data_4PW4
#
_entry.id   4PW4
#
_cell.length_a   224.047
_cell.length_b   224.047
_cell.length_c   57.807
_cell.angle_alpha   90.00
_cell.angle_beta   90.00
_cell.angle_gamma   120.00
#
_symmetry.space_group_name_H-M   'H 3'
#
loop_
_entity.id
_entity.type
_entity.pdbx_description
1 polymer 'Aminopeptidase N'
2 non-polymer '[(1R)-1-amino-3-phenylpropyl]phosphonic acid'
3 non-polymer 'ZINC ION'
4 non-polymer IMIDAZOLE
5 non-polymer GLYCEROL
6 non-polymer 'SULFATE ION'
7 water water
#
_entity_poly.entity_id   1
_entity_poly.type   'polypeptide(L)'
_entity_poly.pdbx_seq_one_letter_code
;(MSE)SKTVHYLKDYQTPAYHILKTDLHFDINEPQTVVKSRLTVEPQRVGEPLVLDGSAKLLSVKINGAAADYVLEGETL
TIAGVPSERFTVEVETEILPAENKSL(MSE)GLYASGGNLFTQCEPEGFRKITFYIDRPDV(MSE)SKFTTTIVADKKRY
PVLLSNGNKIDGGEFSDGRHWVKWEDPFSKPSYLFALVAGDLAVTEDYFTT(MSE)SGRNVKIEFYTTEADKPKVGFAVE
SLKNA(MSE)KWDETRFGLEYDLDIF(MSE)VVAVGDFN(MSE)GA(MSE)ENKGLNIFNTKFVLADSRTATDTDFEGIE
SVVGHEYFHNWTGNRVTCRDWFQLSLKEGLTVFRDQEFSGDRASRAVRRIENIRLLRQHQFPEDAGPTAHPVRPASYEE
(MSE)NNFYT(MSE)TVYEKGAEVVR(MSE)YHTLLGEEGFQKG(MSE)KLYFQRHDGQAVTCDDFRAA(MSE)ADANGI
NLDQFALWYSQAGTPVLEAEGRLKNNIFELTVKQTVPPTPD(MSE)TDKQP(MSE)(MSE)IPVKVGLLNRNGEAVAFDY
QGKRATEAVLLLTEAEQTFLLEGVTEAVVPSLLRGFSAPVHLNYPYSDDDLLLLLAHDSDAFTRWEAAQTLYRRAVAANL
ATLSDGVELPKHEKLLAAVEKVISDDLLDNAFKALLLGVPSEAELWDGAENIDPLRYHQAREALLDTLAVHFLPKWHELN
RQAAKQENQSYEYSPEAAGWRTLRNVCRAFVLRADPAHIETVAEKYGE(MSE)AQN(MSE)THEWGILSAVNGNESDTRN
RLLAQFADKFSDDALV(MSE)DKYFALVGSSRRSDTLQQVRTALQHPKFSLENPNKARSLIGSFSRNVPHFHAEDGSGYR
FIADKVIEIDRFNPQVAARLVQAFNLCNKLEPHRKNLVKQALQRIRAQEGLSKDVGEIVGKILD
;
_entity_poly.pdbx_strand_id   A
#
# COMPACT_ATOMS: atom_id res chain seq x y z
N LYS A 3 -10.46 25.13 13.60
CA LYS A 3 -10.11 23.81 12.94
C LYS A 3 -9.08 23.06 13.79
N THR A 4 -9.44 21.90 14.34
CA THR A 4 -8.49 21.20 15.23
C THR A 4 -7.36 20.51 14.46
N VAL A 5 -6.17 20.77 14.95
CA VAL A 5 -4.94 20.13 14.46
C VAL A 5 -4.46 19.40 15.68
N HIS A 6 -3.98 18.20 15.45
CA HIS A 6 -3.42 17.38 16.50
C HIS A 6 -1.91 17.45 16.35
N TYR A 7 -1.21 17.68 17.45
CA TYR A 7 0.26 17.80 17.49
C TYR A 7 0.90 16.76 18.37
N LEU A 8 1.95 16.11 17.86
CA LEU A 8 2.67 15.08 18.60
C LEU A 8 3.31 15.65 19.83
N LYS A 9 3.71 16.90 19.76
CA LYS A 9 4.29 17.56 20.93
C LYS A 9 3.32 17.73 22.06
N ASP A 10 2.03 17.60 21.81
CA ASP A 10 1.06 17.81 22.89
C ASP A 10 0.59 16.53 23.62
N TYR A 11 1.20 15.41 23.29
CA TYR A 11 0.77 14.14 23.81
C TYR A 11 0.81 14.19 25.31
N GLN A 12 -0.24 13.67 25.94
CA GLN A 12 -0.26 13.48 27.35
C GLN A 12 -0.94 12.16 27.59
N THR A 13 -0.39 11.39 28.53
CA THR A 13 -1.10 10.17 29.00
C THR A 13 -2.57 10.42 29.41
N PRO A 14 -3.39 9.39 29.27
CA PRO A 14 -4.79 9.55 29.51
C PRO A 14 -5.12 9.75 31.00
N ALA A 15 -6.13 10.53 31.27
CA ALA A 15 -6.52 10.74 32.69
C ALA A 15 -7.20 9.51 33.26
N TYR A 16 -7.78 8.70 32.35
CA TYR A 16 -8.55 7.52 32.71
C TYR A 16 -8.08 6.30 31.92
N HIS A 17 -8.03 5.16 32.60
CA HIS A 17 -7.86 3.89 31.94
C HIS A 17 -9.16 3.15 31.92
N ILE A 18 -9.28 2.23 30.96
CA ILE A 18 -10.45 1.38 30.90
C ILE A 18 -9.92 -0.02 31.07
N LEU A 19 -10.29 -0.67 32.15
CA LEU A 19 -9.79 -2.01 32.45
C LEU A 19 -10.54 -3.12 31.77
N LYS A 20 -11.85 -2.97 31.68
CA LYS A 20 -12.78 -3.93 31.13
C LYS A 20 -13.86 -3.23 30.32
N THR A 21 -14.13 -3.81 29.20
CA THR A 21 -15.11 -3.30 28.29
C THR A 21 -15.99 -4.46 27.99
N ASP A 22 -17.23 -4.38 28.49
CA ASP A 22 -18.27 -5.37 28.19
C ASP A 22 -19.27 -4.74 27.24
N LEU A 23 -19.51 -5.36 26.11
CA LEU A 23 -20.44 -4.82 25.09
C LEU A 23 -21.59 -5.75 24.86
N HIS A 24 -22.77 -5.20 24.57
CA HIS A 24 -23.93 -6.00 24.18
C HIS A 24 -24.51 -5.36 22.90
N PHE A 25 -24.56 -6.14 21.84
CA PHE A 25 -25.20 -5.71 20.62
C PHE A 25 -26.52 -6.39 20.39
N ASP A 26 -27.59 -5.61 20.20
CA ASP A 26 -28.92 -6.13 19.97
C ASP A 26 -29.30 -5.74 18.52
N ILE A 27 -29.14 -6.65 17.58
CA ILE A 27 -29.25 -6.32 16.19
C ILE A 27 -30.73 -6.51 15.76
N ASN A 28 -31.36 -5.47 15.21
CA ASN A 28 -32.76 -5.56 14.69
C ASN A 28 -32.88 -4.92 13.31
N GLU A 29 -34.11 -4.76 12.81
CA GLU A 29 -34.35 -4.05 11.55
C GLU A 29 -35.17 -2.82 11.84
N PRO A 30 -34.61 -1.65 11.57
CA PRO A 30 -33.33 -1.46 10.95
C PRO A 30 -32.20 -1.18 11.97
N GLN A 31 -32.51 -1.03 13.26
CA GLN A 31 -31.53 -0.48 14.22
C GLN A 31 -30.81 -1.55 15.01
N THR A 32 -29.57 -1.23 15.41
CA THR A 32 -28.80 -2.00 16.33
C THR A 32 -28.56 -1.12 17.55
N VAL A 33 -28.85 -1.66 18.72
CA VAL A 33 -28.72 -0.93 19.99
C VAL A 33 -27.53 -1.53 20.71
N VAL A 34 -26.55 -0.69 21.04
CA VAL A 34 -25.35 -1.12 21.71
C VAL A 34 -25.34 -0.67 23.16
N LYS A 35 -25.08 -1.55 24.10
CA LYS A 35 -24.95 -1.18 25.50
C LYS A 35 -23.56 -1.57 25.94
N SER A 36 -22.92 -0.69 26.67
CA SER A 36 -21.61 -1.02 27.21
C SER A 36 -21.63 -0.99 28.74
N ARG A 37 -20.62 -1.65 29.31
CA ARG A 37 -20.27 -1.51 30.71
C ARG A 37 -18.78 -1.35 30.69
N LEU A 38 -18.34 -0.16 31.04
CA LEU A 38 -16.93 0.08 31.09
C LEU A 38 -16.47 0.14 32.54
N THR A 39 -15.35 -0.52 32.83
CA THR A 39 -14.72 -0.43 34.16
C THR A 39 -13.57 0.53 34.08
N VAL A 40 -13.76 1.67 34.71
CA VAL A 40 -12.87 2.79 34.51
C VAL A 40 -11.98 3.04 35.74
N GLU A 41 -10.70 3.13 35.50
CA GLU A 41 -9.71 3.37 36.54
C GLU A 41 -9.05 4.76 36.43
N PRO A 42 -9.32 5.65 37.41
CA PRO A 42 -8.74 6.99 37.34
C PRO A 42 -7.24 6.93 37.36
N GLN A 43 -6.60 7.71 36.51
CA GLN A 43 -5.18 7.95 36.54
C GLN A 43 -4.88 9.31 37.15
N ARG A 44 -5.62 10.34 36.74
CA ARG A 44 -5.51 11.64 37.36
C ARG A 44 -6.86 11.90 37.95
N VAL A 45 -6.94 11.63 39.23
CA VAL A 45 -8.18 11.66 39.96
C VAL A 45 -8.78 13.08 39.90
N GLY A 46 -10.10 13.15 39.80
CA GLY A 46 -10.81 14.41 39.76
C GLY A 46 -10.93 15.08 38.39
N GLU A 47 -10.22 14.63 37.32
CA GLU A 47 -10.44 15.23 36.00
C GLU A 47 -11.82 14.83 35.44
N PRO A 48 -12.36 15.65 34.55
CA PRO A 48 -13.61 15.23 33.94
C PRO A 48 -13.37 13.97 33.10
N LEU A 49 -14.38 13.11 33.03
CA LEU A 49 -14.28 11.96 32.11
C LEU A 49 -14.74 12.40 30.75
N VAL A 50 -13.90 12.27 29.76
CA VAL A 50 -14.24 12.72 28.39
C VAL A 50 -14.26 11.49 27.50
N LEU A 51 -15.42 11.24 26.91
CA LEU A 51 -15.60 10.12 26.02
C LEU A 51 -15.84 10.64 24.58
N ASP A 52 -15.18 10.01 23.63
CA ASP A 52 -15.39 10.30 22.21
C ASP A 52 -16.60 9.55 21.70
N GLY A 53 -17.44 10.19 20.89
CA GLY A 53 -18.44 9.40 20.26
C GLY A 53 -19.37 10.16 19.33
N SER A 54 -19.84 9.45 18.31
CA SER A 54 -20.78 10.08 17.39
C SER A 54 -22.08 9.33 17.12
N ALA A 55 -22.31 8.21 17.79
CA ALA A 55 -23.55 7.46 17.57
C ALA A 55 -24.66 8.18 18.28
N LYS A 56 -25.89 7.93 17.87
CA LYS A 56 -27.06 8.42 18.64
C LYS A 56 -27.06 7.91 20.07
N LEU A 57 -27.16 8.82 21.02
CA LEU A 57 -26.95 8.48 22.40
C LEU A 57 -28.32 8.32 23.06
N LEU A 58 -28.60 7.20 23.70
CA LEU A 58 -29.90 6.95 24.30
C LEU A 58 -29.80 7.09 25.82
N SER A 59 -28.68 6.70 26.41
CA SER A 59 -28.53 6.88 27.88
C SER A 59 -27.11 6.74 28.36
N VAL A 60 -26.83 7.33 29.51
CA VAL A 60 -25.50 7.15 30.15
C VAL A 60 -25.64 7.10 31.63
N LYS A 61 -24.99 6.13 32.24
CA LYS A 61 -24.99 5.94 33.65
C LYS A 61 -23.61 5.86 34.17
N ILE A 62 -23.42 6.25 35.43
CA ILE A 62 -22.20 6.08 36.18
C ILE A 62 -22.66 5.33 37.44
N ASN A 63 -22.08 4.17 37.72
CA ASN A 63 -22.62 3.21 38.74
C ASN A 63 -24.14 3.02 38.81
N GLY A 64 -24.74 2.78 37.66
CA GLY A 64 -26.13 2.44 37.60
C GLY A 64 -27.09 3.58 37.71
N ALA A 65 -26.62 4.77 38.07
CA ALA A 65 -27.50 5.93 38.03
C ALA A 65 -27.22 6.87 36.84
N ALA A 66 -28.31 7.40 36.31
CA ALA A 66 -28.31 8.38 35.24
C ALA A 66 -27.29 9.46 35.51
N ALA A 67 -26.42 9.65 34.53
CA ALA A 67 -25.25 10.51 34.76
C ALA A 67 -25.62 11.90 34.47
N ASP A 68 -25.00 12.86 35.17
CA ASP A 68 -25.12 14.24 34.71
C ASP A 68 -23.96 14.49 33.74
N TYR A 69 -24.27 14.80 32.49
CA TYR A 69 -23.23 14.82 31.47
C TYR A 69 -23.58 15.94 30.54
N VAL A 70 -22.66 16.26 29.64
CA VAL A 70 -23.01 17.14 28.52
C VAL A 70 -22.37 16.53 27.26
N LEU A 71 -23.13 16.57 26.17
CA LEU A 71 -22.68 16.12 24.87
C LEU A 71 -22.61 17.32 24.00
N GLU A 72 -21.40 17.59 23.53
CA GLU A 72 -21.12 18.70 22.66
C GLU A 72 -20.28 18.17 21.53
N GLY A 73 -20.76 18.33 20.32
CA GLY A 73 -20.07 17.80 19.18
C GLY A 73 -20.04 16.29 19.34
N GLU A 74 -18.85 15.74 19.22
CA GLU A 74 -18.62 14.29 19.31
C GLU A 74 -17.94 13.93 20.61
N THR A 75 -18.17 14.72 21.64
CA THR A 75 -17.59 14.35 22.92
C THR A 75 -18.60 14.49 24.04
N LEU A 76 -18.55 13.54 24.94
CA LEU A 76 -19.40 13.47 26.09
C LEU A 76 -18.51 13.65 27.31
N THR A 77 -18.91 14.49 28.25
CA THR A 77 -18.11 14.81 29.40
C THR A 77 -18.95 14.65 30.65
N ILE A 78 -18.37 14.01 31.64
CA ILE A 78 -19.00 13.82 32.96
C ILE A 78 -18.01 14.41 33.98
N ALA A 79 -18.49 15.42 34.70
CA ALA A 79 -17.65 16.20 35.58
C ALA A 79 -17.54 15.55 36.94
N GLY A 80 -18.65 15.03 37.46
CA GLY A 80 -18.62 14.43 38.78
C GLY A 80 -18.30 12.95 38.77
N VAL A 81 -17.01 12.59 38.69
CA VAL A 81 -16.64 11.19 38.76
C VAL A 81 -15.85 10.73 39.99
N PRO A 82 -16.22 9.42 40.35
CA PRO A 82 -15.53 8.94 41.55
C PRO A 82 -14.07 9.00 41.49
N SER A 83 -13.44 9.01 42.65
CA SER A 83 -12.00 8.96 42.82
C SER A 83 -11.39 7.62 42.73
N GLU A 84 -12.20 6.57 42.71
CA GLU A 84 -11.66 5.25 42.46
C GLU A 84 -12.62 4.52 41.50
N ARG A 85 -12.43 3.22 41.37
CA ARG A 85 -12.96 2.47 40.22
C ARG A 85 -14.39 2.67 40.11
N PHE A 86 -14.86 2.89 38.88
CA PHE A 86 -16.26 3.07 38.71
C PHE A 86 -16.63 2.52 37.35
N THR A 87 -17.90 2.39 37.14
CA THR A 87 -18.42 1.93 35.88
C THR A 87 -19.18 3.00 35.18
N VAL A 88 -19.18 2.90 33.87
CA VAL A 88 -19.88 3.78 33.01
C VAL A 88 -20.69 2.90 32.10
N GLU A 89 -21.98 3.16 31.98
CA GLU A 89 -22.83 2.44 31.02
C GLU A 89 -23.40 3.35 29.98
N VAL A 90 -23.19 3.03 28.72
CA VAL A 90 -23.65 3.85 27.59
C VAL A 90 -24.50 3.04 26.66
N GLU A 91 -25.63 3.63 26.23
CA GLU A 91 -26.49 3.00 25.34
C GLU A 91 -26.62 3.88 24.08
N THR A 92 -26.30 3.29 22.93
CA THR A 92 -26.31 3.98 21.66
C THR A 92 -27.16 3.20 20.67
N GLU A 93 -27.53 3.90 19.63
CA GLU A 93 -28.32 3.29 18.55
C GLU A 93 -27.73 3.64 17.24
N ILE A 94 -27.63 2.66 16.36
CA ILE A 94 -26.94 2.75 15.06
C ILE A 94 -27.87 2.23 13.96
N LEU A 95 -27.86 2.87 12.82
CA LEU A 95 -28.54 2.40 11.66
C LEU A 95 -27.45 1.97 10.64
N PRO A 96 -27.04 0.75 10.70
CA PRO A 96 -25.84 0.38 9.87
C PRO A 96 -26.09 0.38 8.38
N ALA A 97 -27.33 0.21 7.92
CA ALA A 97 -27.62 0.27 6.46
C ALA A 97 -27.51 1.72 5.90
N GLU A 98 -27.56 2.73 6.76
CA GLU A 98 -27.31 4.12 6.33
C GLU A 98 -25.82 4.52 6.36
N ASN A 99 -24.96 3.64 6.88
CA ASN A 99 -23.53 3.96 6.94
C ASN A 99 -22.78 3.62 5.68
N LYS A 100 -22.62 4.62 4.79
CA LYS A 100 -21.94 4.47 3.51
C LYS A 100 -20.44 4.86 3.63
N SER A 101 -20.02 5.28 4.82
CA SER A 101 -18.66 5.66 5.06
C SER A 101 -17.77 4.45 5.26
N LEU A 102 -18.40 3.33 5.61
CA LEU A 102 -17.71 2.07 5.83
C LEU A 102 -16.69 2.15 6.96
N GLY A 104 -16.87 2.32 11.42
CA GLY A 104 -17.88 1.99 12.47
C GLY A 104 -18.56 0.67 12.09
N LEU A 105 -19.85 0.59 12.35
CA LEU A 105 -20.64 -0.63 12.08
C LEU A 105 -21.46 -0.34 10.82
N TYR A 106 -21.34 -1.18 9.82
CA TYR A 106 -21.99 -0.91 8.54
C TYR A 106 -22.48 -2.18 7.90
N ALA A 107 -23.46 -2.02 7.02
CA ALA A 107 -23.99 -3.13 6.26
C ALA A 107 -23.29 -3.29 4.94
N SER A 108 -23.22 -4.51 4.45
CA SER A 108 -22.61 -4.84 3.16
C SER A 108 -23.11 -6.22 2.80
N GLY A 109 -23.73 -6.31 1.60
CA GLY A 109 -24.30 -7.56 1.07
C GLY A 109 -25.31 -8.19 2.00
N GLY A 110 -26.08 -7.38 2.75
CA GLY A 110 -27.04 -7.87 3.68
C GLY A 110 -26.47 -8.35 5.03
N ASN A 111 -25.15 -8.28 5.19
CA ASN A 111 -24.45 -8.63 6.45
C ASN A 111 -23.93 -7.36 7.14
N LEU A 112 -23.44 -7.53 8.35
CA LEU A 112 -22.92 -6.44 9.12
C LEU A 112 -21.44 -6.66 9.43
N PHE A 113 -20.64 -5.61 9.26
CA PHE A 113 -19.24 -5.61 9.52
C PHE A 113 -18.84 -4.33 10.27
N THR A 114 -17.64 -4.32 10.85
CA THR A 114 -17.02 -3.15 11.42
C THR A 114 -15.68 -2.85 10.81
N GLN A 115 -15.31 -1.59 10.88
CA GLN A 115 -14.01 -1.12 10.66
C GLN A 115 -13.79 0.00 11.69
N CYS A 116 -12.84 -0.23 12.54
CA CYS A 116 -12.54 0.68 13.67
C CYS A 116 -11.24 1.43 13.53
N GLU A 117 -10.25 0.95 12.77
CA GLU A 117 -8.98 1.70 12.69
C GLU A 117 -9.11 2.89 11.75
N PRO A 118 -8.68 4.13 12.16
CA PRO A 118 -8.14 4.49 13.43
C PRO A 118 -9.18 4.84 14.51
N GLU A 119 -10.23 5.54 14.11
CA GLU A 119 -11.18 6.18 15.07
C GLU A 119 -12.63 5.89 14.76
N GLY A 120 -12.86 4.69 14.25
CA GLY A 120 -14.20 4.15 13.97
C GLY A 120 -15.00 3.65 15.18
N PHE A 121 -14.32 3.17 16.22
CA PHE A 121 -14.99 2.62 17.39
C PHE A 121 -15.92 3.66 18.06
N ARG A 122 -15.51 4.91 18.00
CA ARG A 122 -16.37 5.96 18.59
C ARG A 122 -17.63 6.14 17.78
N LYS A 123 -17.70 5.59 16.54
CA LYS A 123 -18.98 5.65 15.79
C LYS A 123 -19.97 4.55 16.22
N ILE A 124 -19.53 3.70 17.11
CA ILE A 124 -20.32 2.60 17.65
C ILE A 124 -20.80 2.90 19.10
N THR A 125 -19.88 3.36 19.94
CA THR A 125 -20.23 3.72 21.33
C THR A 125 -19.31 4.84 21.76
N PHE A 126 -19.60 5.40 22.92
CA PHE A 126 -18.76 6.45 23.50
C PHE A 126 -17.71 5.81 24.31
N TYR A 127 -16.48 6.21 24.07
CA TYR A 127 -15.36 5.52 24.53
C TYR A 127 -14.16 6.40 24.58
N ILE A 128 -13.13 5.95 25.26
CA ILE A 128 -11.84 6.66 25.22
C ILE A 128 -11.01 6.04 24.07
N ASP A 129 -11.22 6.60 22.87
CA ASP A 129 -10.93 5.92 21.58
C ASP A 129 -9.57 6.37 21.06
N ARG A 130 -8.57 5.91 21.78
CA ARG A 130 -7.16 6.24 21.52
C ARG A 130 -6.32 5.00 21.93
N PRO A 131 -5.23 4.76 21.19
CA PRO A 131 -4.69 3.42 21.22
C PRO A 131 -3.82 3.14 22.48
N ASP A 132 -3.53 4.16 23.24
CA ASP A 132 -2.79 3.93 24.50
C ASP A 132 -3.70 3.50 25.67
N VAL A 133 -5.02 3.50 25.42
CA VAL A 133 -6.00 2.96 26.34
C VAL A 133 -6.33 1.51 25.92
N SER A 135 -7.83 -2.31 26.93
CA SER A 135 -8.85 -2.88 27.81
C SER A 135 -9.14 -4.31 27.43
N LYS A 136 -9.73 -5.05 28.34
CA LYS A 136 -10.13 -6.42 28.01
C LYS A 136 -11.61 -6.48 27.65
N PHE A 137 -11.89 -6.89 26.41
CA PHE A 137 -13.24 -6.87 25.87
C PHE A 137 -13.98 -8.22 25.98
N THR A 138 -15.26 -8.19 26.30
CA THR A 138 -16.15 -9.32 26.21
C THR A 138 -17.41 -8.78 25.51
N THR A 139 -17.82 -9.49 24.49
CA THR A 139 -18.84 -9.02 23.58
C THR A 139 -19.99 -10.02 23.45
N THR A 140 -21.23 -9.58 23.78
CA THR A 140 -22.46 -10.31 23.58
C THR A 140 -23.18 -9.75 22.35
N ILE A 141 -23.64 -10.65 21.51
CA ILE A 141 -24.37 -10.30 20.28
C ILE A 141 -25.68 -11.09 20.20
N VAL A 142 -26.76 -10.40 19.92
CA VAL A 142 -28.06 -11.03 19.83
C VAL A 142 -28.68 -10.60 18.49
N ALA A 143 -29.22 -11.57 17.75
CA ALA A 143 -29.79 -11.35 16.43
C ALA A 143 -30.76 -12.44 16.01
N ASP A 144 -31.55 -12.15 14.98
CA ASP A 144 -32.38 -13.12 14.32
C ASP A 144 -31.52 -14.25 13.77
N LYS A 145 -31.81 -15.47 14.14
CA LYS A 145 -30.96 -16.59 13.76
C LYS A 145 -30.96 -16.86 12.27
N LYS A 146 -32.09 -16.80 11.60
CA LYS A 146 -32.08 -17.10 10.16
C LYS A 146 -31.38 -16.05 9.34
N ARG A 147 -31.53 -14.79 9.75
CA ARG A 147 -30.94 -13.70 9.00
C ARG A 147 -29.43 -13.53 9.32
N TYR A 148 -29.08 -13.81 10.58
CA TYR A 148 -27.72 -13.64 11.07
C TYR A 148 -27.24 -14.88 11.83
N PRO A 149 -27.06 -15.99 11.09
CA PRO A 149 -26.62 -17.24 11.75
C PRO A 149 -25.17 -17.20 12.25
N VAL A 150 -24.29 -16.39 11.63
CA VAL A 150 -22.89 -16.28 12.05
C VAL A 150 -22.74 -14.93 12.82
N LEU A 151 -22.35 -15.03 14.09
CA LEU A 151 -22.13 -13.87 14.93
C LEU A 151 -20.72 -13.96 15.57
N LEU A 152 -19.81 -13.09 15.15
CA LEU A 152 -18.43 -13.17 15.53
C LEU A 152 -17.94 -11.91 16.21
N SER A 153 -17.01 -12.04 17.14
CA SER A 153 -16.25 -10.92 17.60
C SER A 153 -14.89 -11.45 18.04
N ASN A 154 -14.03 -10.59 18.53
CA ASN A 154 -12.71 -11.01 18.82
C ASN A 154 -12.63 -12.07 19.93
N GLY A 155 -11.66 -13.00 19.78
CA GLY A 155 -11.30 -13.88 20.85
C GLY A 155 -11.94 -15.27 20.83
N ASN A 156 -12.26 -15.75 22.03
CA ASN A 156 -12.84 -17.04 22.27
C ASN A 156 -14.31 -16.98 22.47
N LYS A 157 -15.00 -17.89 21.88
CA LYS A 157 -16.43 -17.93 22.04
C LYS A 157 -16.70 -18.72 23.30
N ILE A 158 -17.28 -18.07 24.32
CA ILE A 158 -17.40 -18.66 25.65
C ILE A 158 -18.81 -19.04 26.05
N ASP A 159 -19.82 -18.57 25.33
CA ASP A 159 -21.19 -18.92 25.65
C ASP A 159 -22.09 -18.62 24.47
N GLY A 160 -23.34 -19.06 24.55
CA GLY A 160 -24.31 -18.74 23.51
C GLY A 160 -25.58 -19.53 23.72
N GLY A 161 -26.64 -19.20 22.96
CA GLY A 161 -27.88 -19.87 23.15
C GLY A 161 -28.93 -19.39 22.21
N GLU A 162 -30.13 -19.88 22.45
CA GLU A 162 -31.25 -19.52 21.65
C GLU A 162 -32.32 -18.92 22.48
N PHE A 163 -33.15 -18.12 21.85
CA PHE A 163 -34.40 -17.60 22.40
C PHE A 163 -35.61 -18.10 21.53
N SER A 164 -36.84 -18.19 22.09
CA SER A 164 -38.02 -18.88 21.42
C SER A 164 -38.57 -18.10 20.24
N ASP A 165 -38.26 -16.81 20.22
CA ASP A 165 -38.77 -15.92 19.18
C ASP A 165 -37.95 -15.89 17.88
N GLY A 166 -37.04 -16.83 17.68
CA GLY A 166 -36.22 -16.86 16.48
C GLY A 166 -34.81 -16.23 16.65
N ARG A 167 -34.55 -15.63 17.80
N ARG A 167 -34.56 -15.61 17.79
CA ARG A 167 -33.29 -14.93 18.01
CA ARG A 167 -33.26 -15.01 18.04
C ARG A 167 -32.28 -15.88 18.72
C ARG A 167 -32.25 -16.04 18.56
N HIS A 168 -30.98 -15.69 18.48
CA HIS A 168 -29.94 -16.40 19.20
C HIS A 168 -28.92 -15.42 19.64
N TRP A 169 -27.96 -15.88 20.45
CA TRP A 169 -26.89 -15.00 20.98
C TRP A 169 -25.61 -15.80 21.14
N VAL A 170 -24.51 -15.06 21.13
CA VAL A 170 -23.17 -15.54 21.38
C VAL A 170 -22.43 -14.53 22.27
N LYS A 171 -21.46 -15.04 23.03
CA LYS A 171 -20.62 -14.22 23.86
C LYS A 171 -19.17 -14.57 23.59
N TRP A 172 -18.40 -13.55 23.21
CA TRP A 172 -16.99 -13.66 22.84
C TRP A 172 -16.08 -12.97 23.89
N GLU A 173 -15.05 -13.67 24.37
CA GLU A 173 -14.10 -13.11 25.32
C GLU A 173 -12.75 -13.03 24.73
N ASP A 174 -12.19 -11.84 24.63
CA ASP A 174 -10.82 -11.70 24.13
C ASP A 174 -9.98 -11.39 25.37
N PRO A 175 -9.17 -12.33 25.76
CA PRO A 175 -8.36 -12.19 26.99
C PRO A 175 -7.19 -11.24 26.90
N PHE A 176 -6.84 -10.80 25.72
CA PHE A 176 -5.72 -9.87 25.58
C PHE A 176 -6.18 -8.42 25.62
N SER A 177 -5.58 -7.60 26.47
CA SER A 177 -5.98 -6.17 26.52
C SER A 177 -5.66 -5.55 25.19
N LYS A 178 -6.57 -4.74 24.69
CA LYS A 178 -6.33 -4.13 23.43
C LYS A 178 -6.94 -2.72 23.33
N PRO A 179 -6.37 -1.91 22.46
CA PRO A 179 -6.97 -0.66 22.10
C PRO A 179 -8.27 -0.91 21.29
N SER A 180 -9.15 0.05 21.37
CA SER A 180 -10.43 0.01 20.68
C SER A 180 -10.28 -0.14 19.16
N TYR A 181 -9.22 0.33 18.54
CA TYR A 181 -9.11 0.19 17.05
C TYR A 181 -9.04 -1.26 16.60
N LEU A 182 -8.85 -2.20 17.52
CA LEU A 182 -8.71 -3.61 17.15
C LEU A 182 -9.99 -4.41 17.42
N PHE A 183 -11.04 -3.75 17.85
CA PHE A 183 -12.33 -4.37 17.95
C PHE A 183 -12.89 -4.70 16.60
N ALA A 184 -13.56 -5.84 16.53
CA ALA A 184 -14.38 -6.19 15.32
C ALA A 184 -15.63 -6.96 15.68
N LEU A 185 -16.65 -6.85 14.81
CA LEU A 185 -17.84 -7.61 14.93
C LEU A 185 -18.32 -7.89 13.54
N VAL A 186 -18.79 -9.11 13.36
CA VAL A 186 -19.40 -9.51 12.08
C VAL A 186 -20.70 -10.21 12.42
N ALA A 187 -21.77 -9.93 11.69
CA ALA A 187 -23.02 -10.63 11.84
C ALA A 187 -23.53 -10.90 10.47
N GLY A 188 -23.74 -12.15 10.15
CA GLY A 188 -24.27 -12.38 8.78
C GLY A 188 -24.60 -13.77 8.39
N ASP A 189 -25.06 -13.94 7.14
CA ASP A 189 -25.29 -15.26 6.64
C ASP A 189 -24.03 -15.50 5.79
N LEU A 190 -23.02 -16.18 6.32
CA LEU A 190 -21.76 -16.44 5.62
C LEU A 190 -21.38 -17.91 5.65
N ALA A 191 -20.67 -18.41 4.61
CA ALA A 191 -20.19 -19.75 4.48
C ALA A 191 -18.80 -19.79 5.15
N VAL A 192 -18.43 -20.89 5.75
CA VAL A 192 -17.15 -20.99 6.39
C VAL A 192 -16.27 -22.03 5.69
N THR A 193 -14.98 -21.75 5.67
CA THR A 193 -13.97 -22.70 5.20
C THR A 193 -13.05 -22.93 6.40
N GLU A 194 -12.87 -24.20 6.82
CA GLU A 194 -12.16 -24.56 8.06
C GLU A 194 -10.84 -25.23 7.74
N ASP A 195 -9.79 -24.89 8.47
CA ASP A 195 -8.53 -25.56 8.39
C ASP A 195 -7.89 -25.48 9.77
N TYR A 196 -6.62 -25.78 9.83
CA TYR A 196 -5.87 -25.58 11.10
C TYR A 196 -4.40 -25.55 10.88
N PHE A 197 -3.67 -25.08 11.90
CA PHE A 197 -2.21 -25.00 11.85
C PHE A 197 -1.81 -25.47 13.25
N THR A 198 -0.72 -26.23 13.38
CA THR A 198 -0.24 -26.63 14.73
C THR A 198 1.06 -25.83 14.97
N THR A 199 1.06 -25.08 16.06
CA THR A 199 2.14 -24.19 16.38
C THR A 199 3.35 -25.02 16.90
N SER A 201 4.72 -25.16 19.61
CA SER A 201 4.57 -25.78 20.92
C SER A 201 3.57 -26.90 20.97
N GLY A 202 2.92 -27.22 19.84
CA GLY A 202 2.07 -28.39 19.70
C GLY A 202 0.63 -28.05 19.87
N ARG A 203 0.30 -26.78 19.77
CA ARG A 203 -1.08 -26.38 19.97
C ARG A 203 -1.74 -26.13 18.60
N ASN A 204 -2.86 -26.81 18.37
CA ASN A 204 -3.68 -26.59 17.17
C ASN A 204 -4.34 -25.19 17.24
N VAL A 205 -4.33 -24.50 16.11
CA VAL A 205 -5.10 -23.27 15.90
C VAL A 205 -6.11 -23.50 14.81
N LYS A 206 -7.37 -23.47 15.18
CA LYS A 206 -8.44 -23.59 14.21
C LYS A 206 -8.50 -22.31 13.38
N ILE A 207 -8.46 -22.53 12.07
CA ILE A 207 -8.54 -21.47 11.12
C ILE A 207 -9.93 -21.52 10.44
N GLU A 208 -10.60 -20.37 10.39
CA GLU A 208 -11.92 -20.24 9.76
C GLU A 208 -11.97 -19.04 8.82
N PHE A 209 -12.19 -19.23 7.52
CA PHE A 209 -12.41 -18.12 6.58
C PHE A 209 -13.93 -18.03 6.25
N TYR A 210 -14.54 -16.86 6.40
CA TYR A 210 -15.93 -16.63 6.14
C TYR A 210 -16.06 -15.80 4.89
N THR A 211 -16.94 -16.26 3.97
CA THR A 211 -17.15 -15.66 2.65
C THR A 211 -18.63 -15.79 2.30
N THR A 212 -19.05 -15.19 1.23
CA THR A 212 -20.34 -15.58 0.73
C THR A 212 -20.25 -17.04 0.20
N GLU A 213 -21.43 -17.63 0.11
CA GLU A 213 -21.52 -19.01 -0.31
C GLU A 213 -20.95 -19.16 -1.74
N ALA A 214 -21.19 -18.19 -2.60
CA ALA A 214 -20.63 -18.20 -3.94
C ALA A 214 -19.14 -17.98 -4.03
N ASP A 215 -18.55 -17.25 -3.11
CA ASP A 215 -17.13 -16.90 -3.14
C ASP A 215 -16.33 -18.04 -2.46
N LYS A 216 -16.96 -18.95 -1.73
CA LYS A 216 -16.20 -19.99 -0.98
C LYS A 216 -15.18 -20.79 -1.80
N PRO A 217 -15.51 -21.13 -3.03
CA PRO A 217 -14.50 -21.88 -3.80
C PRO A 217 -13.21 -21.13 -4.17
N LYS A 218 -13.18 -19.81 -3.90
CA LYS A 218 -12.02 -19.01 -4.25
C LYS A 218 -11.11 -18.68 -3.07
N VAL A 219 -11.34 -19.29 -1.91
CA VAL A 219 -10.67 -18.89 -0.69
C VAL A 219 -9.46 -19.74 -0.38
N GLY A 220 -9.28 -20.83 -1.13
CA GLY A 220 -8.23 -21.82 -0.76
C GLY A 220 -6.80 -21.34 -0.79
N PHE A 221 -6.46 -20.52 -1.78
CA PHE A 221 -5.13 -19.91 -1.77
C PHE A 221 -4.81 -19.04 -0.54
N ALA A 222 -5.77 -18.23 -0.14
CA ALA A 222 -5.60 -17.48 1.09
C ALA A 222 -5.38 -18.31 2.35
N VAL A 223 -6.13 -19.41 2.45
CA VAL A 223 -5.92 -20.35 3.59
C VAL A 223 -4.54 -20.88 3.59
N GLU A 224 -4.10 -21.35 2.45
CA GLU A 224 -2.73 -21.89 2.40
C GLU A 224 -1.66 -20.83 2.64
N SER A 225 -1.90 -19.62 2.17
CA SER A 225 -0.98 -18.50 2.45
C SER A 225 -0.94 -18.15 3.94
N LEU A 226 -2.07 -18.22 4.65
CA LEU A 226 -2.06 -18.01 6.11
C LEU A 226 -1.21 -19.05 6.83
N LYS A 227 -1.43 -20.32 6.49
CA LYS A 227 -0.58 -21.37 7.05
C LYS A 227 0.91 -21.19 6.79
N ASN A 228 1.26 -20.82 5.58
CA ASN A 228 2.67 -20.45 5.29
C ASN A 228 3.17 -19.27 6.11
N ALA A 229 2.36 -18.21 6.25
CA ALA A 229 2.80 -17.06 7.07
C ALA A 229 3.01 -17.46 8.55
N LYS A 231 3.86 -20.34 9.79
CA LYS A 231 5.07 -21.18 9.91
C LYS A 231 6.28 -20.28 9.79
N TRP A 232 6.20 -19.34 8.86
CA TRP A 232 7.30 -18.40 8.63
C TRP A 232 7.56 -17.48 9.80
N ASP A 233 6.53 -16.91 10.46
CA ASP A 233 6.79 -16.09 11.63
C ASP A 233 7.53 -16.91 12.70
N GLU A 234 7.23 -18.21 12.76
CA GLU A 234 7.87 -19.06 13.70
C GLU A 234 9.34 -19.33 13.27
N THR A 235 9.57 -19.69 12.04
CA THR A 235 10.94 -20.03 11.64
C THR A 235 11.85 -18.80 11.51
N ARG A 236 11.33 -17.68 11.03
CA ARG A 236 12.19 -16.51 10.82
C ARG A 236 12.28 -15.63 12.05
N PHE A 237 11.14 -15.39 12.73
CA PHE A 237 11.12 -14.49 13.87
C PHE A 237 11.01 -15.16 15.22
N GLY A 238 10.82 -16.49 15.27
CA GLY A 238 10.46 -17.15 16.56
C GLY A 238 9.14 -16.69 17.23
N LEU A 239 8.17 -16.24 16.42
CA LEU A 239 6.89 -15.74 16.91
C LEU A 239 5.75 -16.73 16.68
N GLU A 240 5.10 -17.08 17.75
CA GLU A 240 4.00 -18.01 17.73
C GLU A 240 2.66 -17.31 17.98
N TYR A 241 1.60 -17.85 17.40
CA TYR A 241 0.22 -17.38 17.65
C TYR A 241 -0.20 -17.66 19.08
N ASP A 242 -1.16 -16.90 19.58
CA ASP A 242 -1.50 -16.83 20.98
C ASP A 242 -2.96 -17.13 21.32
N LEU A 243 -3.79 -17.56 20.38
CA LEU A 243 -5.18 -18.02 20.57
C LEU A 243 -5.30 -19.38 19.84
N ASP A 244 -6.33 -20.15 20.13
CA ASP A 244 -6.55 -21.43 19.46
C ASP A 244 -7.55 -21.26 18.25
N ILE A 245 -7.88 -20.02 17.93
CA ILE A 245 -8.78 -19.64 16.81
C ILE A 245 -8.24 -18.44 16.09
N PHE A 246 -8.30 -18.43 14.75
CA PHE A 246 -7.90 -17.32 13.94
C PHE A 246 -8.94 -17.27 12.84
N VAL A 248 -10.87 -15.10 9.57
CA VAL A 248 -10.76 -14.10 8.53
C VAL A 248 -12.11 -13.99 7.84
N VAL A 249 -12.58 -12.79 7.61
CA VAL A 249 -13.86 -12.53 7.01
C VAL A 249 -13.66 -11.66 5.79
N ALA A 250 -14.15 -12.09 4.66
CA ALA A 250 -14.11 -11.30 3.44
C ALA A 250 -15.30 -10.35 3.32
N VAL A 251 -15.05 -9.13 2.85
CA VAL A 251 -16.12 -8.18 2.65
C VAL A 251 -15.86 -7.39 1.38
N GLY A 252 -16.91 -7.28 0.57
CA GLY A 252 -16.85 -6.60 -0.73
C GLY A 252 -16.92 -5.09 -0.70
N ASP A 253 -17.38 -4.49 0.41
CA ASP A 253 -17.35 -3.06 0.58
C ASP A 253 -16.38 -2.70 1.71
N PHE A 254 -15.26 -2.12 1.37
CA PHE A 254 -14.18 -1.94 2.34
C PHE A 254 -13.27 -0.88 1.81
N ASN A 255 -12.93 0.09 2.67
CA ASN A 255 -12.12 1.21 2.25
C ASN A 255 -10.67 0.90 1.88
N GLY A 257 -7.33 -2.43 2.23
CA GLY A 257 -7.11 -3.79 1.87
C GLY A 257 -7.54 -4.85 2.83
N ALA A 258 -7.20 -4.64 4.10
CA ALA A 258 -7.47 -5.60 5.11
C ALA A 258 -7.22 -4.96 6.47
N GLU A 260 -6.25 -5.98 10.70
CA GLU A 260 -5.68 -6.96 11.61
C GLU A 260 -6.37 -7.15 12.94
N ASN A 261 -7.70 -7.00 13.01
CA ASN A 261 -8.36 -7.09 14.30
C ASN A 261 -8.06 -8.44 14.93
N LYS A 262 -7.77 -8.40 16.22
CA LYS A 262 -7.19 -9.54 16.94
C LYS A 262 -8.06 -10.76 16.86
N GLY A 263 -7.55 -11.78 16.17
CA GLY A 263 -8.22 -13.02 15.99
C GLY A 263 -9.40 -13.06 15.03
N LEU A 264 -9.66 -11.92 14.41
CA LEU A 264 -10.81 -11.73 13.53
C LEU A 264 -10.47 -10.70 12.52
N ASN A 265 -9.64 -11.06 11.57
CA ASN A 265 -9.16 -10.16 10.59
C ASN A 265 -10.31 -9.97 9.56
N ILE A 266 -10.44 -8.78 9.04
CA ILE A 266 -11.49 -8.50 8.02
C ILE A 266 -10.78 -8.02 6.80
N PHE A 267 -11.06 -8.67 5.66
CA PHE A 267 -10.36 -8.44 4.41
C PHE A 267 -11.26 -7.95 3.29
N ASN A 268 -10.75 -7.04 2.47
CA ASN A 268 -11.35 -6.75 1.17
C ASN A 268 -11.29 -8.06 0.37
N THR A 269 -12.43 -8.44 -0.23
CA THR A 269 -12.44 -9.57 -1.15
C THR A 269 -11.19 -9.63 -2.04
N LYS A 270 -10.67 -8.50 -2.53
CA LYS A 270 -9.63 -8.52 -3.55
C LYS A 270 -8.36 -9.19 -2.98
N PHE A 271 -8.22 -9.12 -1.68
CA PHE A 271 -7.07 -9.74 -0.98
C PHE A 271 -7.30 -11.06 -0.33
N VAL A 272 -8.39 -11.70 -0.63
CA VAL A 272 -8.58 -13.08 -0.20
C VAL A 272 -9.03 -14.05 -1.30
N LEU A 273 -9.72 -13.58 -2.33
CA LEU A 273 -10.38 -14.50 -3.32
C LEU A 273 -9.60 -14.58 -4.58
N ALA A 274 -9.34 -15.79 -5.03
CA ALA A 274 -8.66 -16.03 -6.29
C ALA A 274 -8.89 -17.42 -6.77
N ASP A 275 -9.02 -17.55 -8.10
CA ASP A 275 -8.77 -18.80 -8.74
C ASP A 275 -8.14 -18.47 -10.08
N SER A 276 -7.57 -19.43 -10.79
CA SER A 276 -6.85 -19.02 -11.94
C SER A 276 -7.79 -18.51 -13.05
N ARG A 277 -9.02 -18.93 -13.10
CA ARG A 277 -9.92 -18.42 -14.10
C ARG A 277 -10.24 -16.94 -13.97
N THR A 278 -10.25 -16.44 -12.73
CA THR A 278 -10.71 -15.06 -12.46
C THR A 278 -9.69 -14.09 -11.86
N ALA A 279 -8.51 -14.57 -11.46
CA ALA A 279 -7.53 -13.79 -10.76
C ALA A 279 -6.19 -13.89 -11.48
N THR A 280 -5.45 -12.78 -11.53
CA THR A 280 -4.15 -12.80 -12.21
C THR A 280 -3.11 -13.30 -11.25
N ASP A 281 -1.95 -13.66 -11.76
CA ASP A 281 -0.83 -13.99 -10.92
C ASP A 281 -0.50 -12.89 -9.93
N THR A 282 -0.50 -11.64 -10.36
CA THR A 282 -0.33 -10.50 -9.45
C THR A 282 -1.33 -10.46 -8.33
N ASP A 283 -2.60 -10.75 -8.64
CA ASP A 283 -3.65 -10.91 -7.61
C ASP A 283 -3.29 -11.99 -6.50
N PHE A 284 -2.86 -13.16 -6.94
CA PHE A 284 -2.37 -14.23 -6.07
C PHE A 284 -1.24 -13.74 -5.20
N GLU A 285 -0.24 -13.05 -5.77
CA GLU A 285 0.89 -12.51 -5.01
C GLU A 285 0.43 -11.50 -3.94
N GLY A 286 -0.57 -10.72 -4.31
CA GLY A 286 -1.23 -9.75 -3.43
C GLY A 286 -1.86 -10.44 -2.23
N ILE A 287 -2.66 -11.51 -2.48
CA ILE A 287 -3.25 -12.31 -1.41
C ILE A 287 -2.17 -12.78 -0.47
N GLU A 288 -1.13 -13.39 -1.04
CA GLU A 288 -0.05 -13.88 -0.21
C GLU A 288 0.60 -12.81 0.68
N SER A 289 0.91 -11.65 0.11
CA SER A 289 1.44 -10.52 0.82
C SER A 289 0.49 -10.05 1.93
N VAL A 290 -0.75 -9.83 1.59
CA VAL A 290 -1.71 -9.17 2.53
C VAL A 290 -2.18 -10.11 3.63
N VAL A 291 -2.41 -11.40 3.31
CA VAL A 291 -2.73 -12.38 4.33
C VAL A 291 -1.56 -12.44 5.37
N GLY A 292 -0.35 -12.45 4.84
CA GLY A 292 0.86 -12.45 5.71
C GLY A 292 0.90 -11.19 6.54
N HIS A 293 0.80 -10.07 5.86
CA HIS A 293 0.75 -8.73 6.45
C HIS A 293 -0.17 -8.71 7.63
N GLU A 294 -1.43 -9.09 7.50
CA GLU A 294 -2.36 -8.96 8.61
C GLU A 294 -2.02 -9.92 9.79
N TYR A 295 -1.57 -11.10 9.43
CA TYR A 295 -1.15 -12.09 10.40
C TYR A 295 0.07 -11.57 11.14
N PHE A 296 0.99 -10.95 10.42
CA PHE A 296 2.25 -10.42 11.07
C PHE A 296 1.94 -9.32 12.07
N HIS A 297 0.82 -8.60 11.87
CA HIS A 297 0.37 -7.63 12.84
C HIS A 297 0.04 -8.18 14.16
N ASN A 298 -0.24 -9.49 14.24
CA ASN A 298 -0.54 -10.01 15.58
C ASN A 298 0.53 -9.67 16.65
N TRP A 299 1.78 -9.73 16.25
CA TRP A 299 2.92 -9.30 17.05
C TRP A 299 3.25 -7.83 16.83
N THR A 300 3.45 -7.41 15.60
CA THR A 300 3.85 -6.03 15.30
C THR A 300 2.63 -5.15 14.99
N GLY A 301 2.00 -4.76 16.08
CA GLY A 301 0.75 -4.01 16.13
C GLY A 301 -0.24 -4.39 17.21
N ASN A 302 -0.48 -5.69 17.44
CA ASN A 302 -1.48 -6.12 18.37
C ASN A 302 -0.85 -6.35 19.75
N ARG A 303 0.11 -7.24 19.81
CA ARG A 303 0.82 -7.53 21.07
C ARG A 303 1.64 -6.34 21.55
N VAL A 304 2.26 -5.68 20.59
CA VAL A 304 2.81 -4.36 20.81
C VAL A 304 2.13 -3.37 19.84
N THR A 305 1.53 -2.33 20.42
CA THR A 305 0.72 -1.34 19.74
C THR A 305 1.34 0.02 19.70
N CYS A 306 0.56 1.02 19.24
CA CYS A 306 1.02 2.41 19.03
C CYS A 306 0.51 3.24 20.20
N ARG A 307 1.40 4.05 20.73
CA ARG A 307 1.04 5.02 21.79
C ARG A 307 0.00 6.05 21.36
N ASP A 308 0.11 6.48 20.10
CA ASP A 308 -0.66 7.53 19.47
C ASP A 308 -0.52 7.31 17.96
N TRP A 309 -1.36 7.98 17.21
CA TRP A 309 -1.37 7.73 15.78
C TRP A 309 -0.21 8.28 15.03
N PHE A 310 0.51 9.23 15.64
CA PHE A 310 1.75 9.67 15.03
C PHE A 310 2.78 8.55 14.83
N GLN A 311 2.68 7.51 15.66
CA GLN A 311 3.53 6.32 15.63
C GLN A 311 3.05 5.24 14.65
N LEU A 312 2.18 5.53 13.70
CA LEU A 312 1.57 4.54 12.89
C LEU A 312 2.64 3.71 12.20
N SER A 313 3.69 4.38 11.80
CA SER A 313 4.73 3.63 11.07
C SER A 313 5.38 2.57 11.96
N LEU A 314 5.33 2.73 13.27
CA LEU A 314 5.89 1.69 14.18
C LEU A 314 5.31 0.30 13.90
N LYS A 315 4.00 0.25 13.63
CA LYS A 315 3.38 -1.01 13.18
C LYS A 315 3.36 -1.20 11.68
N GLU A 316 3.16 -0.14 10.88
CA GLU A 316 2.97 -0.37 9.45
C GLU A 316 4.26 -0.53 8.71
N GLY A 317 5.25 0.30 9.01
CA GLY A 317 6.60 0.13 8.38
C GLY A 317 7.16 -1.26 8.69
N LEU A 318 7.07 -1.64 9.94
CA LEU A 318 7.62 -2.92 10.35
C LEU A 318 6.84 -4.11 9.82
N THR A 319 5.52 -3.97 9.71
CA THR A 319 4.71 -5.08 9.18
C THR A 319 4.88 -5.18 7.69
N VAL A 320 4.97 -4.04 6.98
CA VAL A 320 5.27 -4.10 5.58
C VAL A 320 6.62 -4.80 5.39
N PHE A 321 7.60 -4.42 6.21
CA PHE A 321 8.94 -5.05 6.03
C PHE A 321 8.79 -6.56 6.16
N ARG A 322 8.07 -6.96 7.21
CA ARG A 322 7.78 -8.41 7.47
C ARG A 322 7.07 -9.09 6.31
N ASP A 323 6.07 -8.43 5.73
CA ASP A 323 5.36 -9.02 4.65
C ASP A 323 6.29 -9.10 3.41
N GLN A 324 7.15 -8.11 3.23
CA GLN A 324 8.13 -8.15 2.11
C GLN A 324 9.18 -9.30 2.21
N GLU A 325 9.67 -9.49 3.42
CA GLU A 325 10.59 -10.56 3.75
C GLU A 325 9.92 -11.91 3.63
N PHE A 326 8.68 -12.03 4.03
CA PHE A 326 7.90 -13.27 3.83
C PHE A 326 7.80 -13.65 2.33
N SER A 327 7.39 -12.68 1.50
CA SER A 327 7.21 -12.91 0.08
C SER A 327 8.56 -13.21 -0.56
N GLY A 328 9.60 -12.55 -0.12
CA GLY A 328 10.90 -12.75 -0.73
C GLY A 328 11.47 -14.12 -0.37
N ASP A 329 11.18 -14.58 0.85
CA ASP A 329 11.57 -15.92 1.24
C ASP A 329 10.76 -16.98 0.50
N ARG A 330 9.50 -16.68 0.17
CA ARG A 330 8.71 -17.63 -0.58
C ARG A 330 9.33 -17.90 -1.93
N ALA A 331 9.67 -16.85 -2.67
CA ALA A 331 10.11 -17.03 -4.06
C ALA A 331 10.63 -15.71 -4.58
N SER A 332 11.51 -15.77 -5.59
CA SER A 332 11.85 -14.65 -6.44
C SER A 332 12.25 -13.39 -5.66
N ARG A 333 13.17 -13.54 -4.70
CA ARG A 333 13.54 -12.46 -3.81
C ARG A 333 14.04 -11.18 -4.48
N ALA A 334 14.91 -11.29 -5.45
CA ALA A 334 15.42 -10.11 -6.17
C ALA A 334 14.34 -9.43 -7.05
N VAL A 335 13.58 -10.18 -7.85
CA VAL A 335 12.50 -9.56 -8.61
C VAL A 335 11.54 -8.86 -7.69
N ARG A 336 11.19 -9.50 -6.58
CA ARG A 336 10.21 -8.93 -5.66
C ARG A 336 10.72 -7.65 -5.00
N ARG A 337 11.99 -7.63 -4.66
CA ARG A 337 12.64 -6.42 -4.17
C ARG A 337 12.62 -5.31 -5.16
N ILE A 338 12.93 -5.57 -6.44
CA ILE A 338 12.82 -4.53 -7.46
C ILE A 338 11.39 -3.98 -7.57
N GLU A 339 10.40 -4.86 -7.62
CA GLU A 339 9.00 -4.40 -7.63
C GLU A 339 8.65 -3.40 -6.50
N ASN A 340 9.14 -3.70 -5.30
CA ASN A 340 8.97 -2.82 -4.17
C ASN A 340 9.66 -1.48 -4.31
N ILE A 341 10.85 -1.48 -4.88
CA ILE A 341 11.59 -0.27 -5.11
C ILE A 341 10.89 0.59 -6.15
N ARG A 342 10.44 -0.07 -7.19
CA ARG A 342 9.75 0.58 -8.25
C ARG A 342 8.46 1.26 -7.70
N LEU A 343 7.72 0.55 -6.85
CA LEU A 343 6.50 1.07 -6.23
C LEU A 343 6.81 2.29 -5.42
N LEU A 344 7.86 2.24 -4.61
CA LEU A 344 8.27 3.37 -3.80
C LEU A 344 8.62 4.59 -4.65
N ARG A 345 9.39 4.39 -5.70
CA ARG A 345 9.80 5.52 -6.58
C ARG A 345 8.71 6.09 -7.41
N GLN A 346 7.73 5.25 -7.77
CA GLN A 346 6.58 5.69 -8.55
C GLN A 346 5.53 6.40 -7.74
N HIS A 347 5.37 6.07 -6.48
CA HIS A 347 4.26 6.59 -5.71
C HIS A 347 4.73 7.36 -4.47
N GLN A 348 5.78 6.92 -3.86
CA GLN A 348 6.16 7.57 -2.61
C GLN A 348 7.08 8.78 -2.87
N PHE A 349 7.95 8.67 -3.85
CA PHE A 349 8.81 9.83 -4.25
C PHE A 349 7.98 11.05 -4.66
N PRO A 350 6.91 10.86 -5.43
CA PRO A 350 6.13 12.05 -5.75
C PRO A 350 5.46 12.70 -4.55
N GLU A 351 5.09 11.88 -3.55
CA GLU A 351 4.50 12.33 -2.33
C GLU A 351 5.51 13.19 -1.52
N ASP A 352 6.73 12.69 -1.42
CA ASP A 352 7.78 13.37 -0.69
C ASP A 352 8.20 14.65 -1.41
N ALA A 353 8.00 14.74 -2.73
CA ALA A 353 8.29 15.94 -3.53
C ALA A 353 7.14 16.97 -3.59
N GLY A 354 5.97 16.57 -3.13
CA GLY A 354 4.80 17.33 -3.26
C GLY A 354 4.26 18.04 -2.05
N PRO A 355 3.08 18.63 -2.22
CA PRO A 355 2.52 19.46 -1.16
C PRO A 355 2.04 18.71 0.06
N THR A 356 1.78 17.40 -0.06
CA THR A 356 1.37 16.66 1.12
C THR A 356 2.50 15.86 1.79
N ALA A 357 3.76 16.14 1.45
CA ALA A 357 4.91 15.46 2.00
C ALA A 357 4.90 15.55 3.49
N HIS A 358 5.30 14.46 4.12
CA HIS A 358 5.31 14.37 5.59
C HIS A 358 6.39 13.35 6.01
N PRO A 359 6.92 13.54 7.23
CA PRO A 359 7.81 12.55 7.80
C PRO A 359 7.11 11.19 8.04
N VAL A 360 7.92 10.13 8.09
CA VAL A 360 7.47 8.80 8.44
C VAL A 360 6.68 8.85 9.73
N ARG A 361 7.08 9.69 10.67
CA ARG A 361 6.30 9.92 11.90
C ARG A 361 5.88 11.39 11.96
N PRO A 362 4.72 11.71 11.40
CA PRO A 362 4.29 13.11 11.28
C PRO A 362 4.28 13.82 12.58
N ALA A 363 4.52 15.14 12.59
CA ALA A 363 4.43 15.96 13.81
C ALA A 363 3.05 16.53 14.06
N SER A 364 2.17 16.46 13.07
CA SER A 364 0.82 16.97 13.26
C SER A 364 -0.09 16.40 12.19
N TYR A 365 -1.39 16.39 12.45
CA TYR A 365 -2.39 15.98 11.48
C TYR A 365 -3.71 16.64 11.84
N GLU A 366 -4.57 16.82 10.84
CA GLU A 366 -5.98 17.20 11.08
C GLU A 366 -6.88 15.97 11.08
N GLU A 367 -6.71 15.11 10.07
CA GLU A 367 -7.53 13.92 9.95
C GLU A 367 -6.55 12.72 9.76
N ASN A 369 -6.97 9.67 9.05
CA ASN A 369 -7.19 8.85 7.86
C ASN A 369 -6.39 9.31 6.64
N ASN A 370 -5.92 10.55 6.62
CA ASN A 370 -5.09 11.02 5.56
C ASN A 370 -3.63 10.57 5.63
N PHE A 371 -3.27 9.95 6.73
CA PHE A 371 -1.92 9.48 6.92
C PHE A 371 -1.63 7.98 6.76
N TYR A 372 -2.57 7.26 6.16
CA TYR A 372 -2.32 5.88 5.71
C TYR A 372 -1.65 5.85 4.39
N THR A 373 -0.39 6.30 4.35
CA THR A 373 0.25 6.71 3.09
C THR A 373 1.41 5.86 2.68
N THR A 375 4.28 6.99 2.29
CA THR A 375 5.40 7.40 3.20
C THR A 375 5.40 6.54 4.49
N VAL A 376 4.28 6.45 5.16
CA VAL A 376 4.24 5.73 6.45
C VAL A 376 4.48 4.23 6.24
N TYR A 377 3.99 3.70 5.10
CA TYR A 377 4.05 2.27 4.82
C TYR A 377 5.33 1.87 4.13
N GLU A 378 5.51 2.37 2.92
CA GLU A 378 6.58 1.88 2.06
C GLU A 378 7.93 2.53 2.45
N LYS A 379 7.99 3.86 2.59
CA LYS A 379 9.23 4.45 3.13
C LYS A 379 9.47 3.97 4.53
N GLY A 380 8.39 3.84 5.31
CA GLY A 380 8.52 3.20 6.62
C GLY A 380 9.19 1.84 6.58
N ALA A 381 8.83 0.99 5.62
CA ALA A 381 9.45 -0.35 5.53
C ALA A 381 10.96 -0.19 5.17
N GLU A 382 11.28 0.74 4.25
CA GLU A 382 12.67 1.07 3.87
C GLU A 382 13.51 1.47 5.10
N VAL A 383 12.92 2.23 6.01
CA VAL A 383 13.59 2.65 7.22
C VAL A 383 13.88 1.40 8.10
N VAL A 384 12.88 0.56 8.26
CA VAL A 384 13.07 -0.69 9.04
C VAL A 384 14.20 -1.49 8.35
N ARG A 385 14.14 -1.60 7.04
CA ARG A 385 15.12 -2.38 6.34
C ARG A 385 16.57 -1.88 6.52
N TYR A 387 17.80 -0.73 9.32
CA TYR A 387 18.27 -1.43 10.53
C TYR A 387 18.83 -2.79 10.16
N HIS A 388 18.12 -3.54 9.33
CA HIS A 388 18.62 -4.85 8.86
C HIS A 388 19.96 -4.73 8.10
N THR A 389 20.09 -3.71 7.25
CA THR A 389 21.26 -3.53 6.43
C THR A 389 22.39 -3.12 7.37
N LEU A 390 22.13 -2.26 8.33
CA LEU A 390 23.19 -1.84 9.26
C LEU A 390 23.66 -2.97 10.22
N LEU A 391 22.74 -3.82 10.62
CA LEU A 391 22.93 -4.68 11.78
C LEU A 391 23.09 -6.14 11.45
N GLY A 392 22.72 -6.54 10.22
CA GLY A 392 22.66 -7.94 9.83
C GLY A 392 21.39 -8.62 10.31
N GLU A 393 21.02 -9.75 9.70
CA GLU A 393 19.86 -10.51 10.18
C GLU A 393 19.99 -10.87 11.68
N GLU A 394 21.12 -11.38 12.15
CA GLU A 394 21.19 -11.78 13.53
C GLU A 394 20.96 -10.63 14.48
N GLY A 395 21.59 -9.51 14.19
CA GLY A 395 21.48 -8.36 15.06
C GLY A 395 20.09 -7.75 15.01
N PHE A 396 19.50 -7.73 13.83
CA PHE A 396 18.12 -7.33 13.69
C PHE A 396 17.22 -8.20 14.57
N GLN A 397 17.42 -9.51 14.56
CA GLN A 397 16.66 -10.38 15.47
C GLN A 397 16.90 -10.16 16.92
N LYS A 398 18.13 -9.79 17.31
CA LYS A 398 18.33 -9.43 18.69
C LYS A 398 17.53 -8.19 19.05
N GLY A 399 17.41 -7.23 18.12
CA GLY A 399 16.63 -6.01 18.34
C GLY A 399 15.15 -6.35 18.54
N LYS A 401 13.88 -9.20 19.53
CA LYS A 401 13.70 -9.91 20.77
C LYS A 401 13.65 -8.96 21.96
N LEU A 402 14.52 -7.95 21.95
CA LEU A 402 14.51 -6.97 23.02
C LEU A 402 13.25 -6.11 22.98
N TYR A 403 12.80 -5.81 21.77
CA TYR A 403 11.57 -5.00 21.61
C TYR A 403 10.39 -5.67 22.30
N PHE A 404 10.21 -6.95 22.04
CA PHE A 404 9.12 -7.72 22.65
C PHE A 404 9.31 -7.96 24.15
N GLN A 405 10.56 -8.21 24.57
CA GLN A 405 10.84 -8.36 26.01
C GLN A 405 10.46 -7.10 26.78
N ARG A 406 10.80 -5.93 26.21
CA ARG A 406 10.52 -4.67 26.87
C ARG A 406 9.05 -4.26 26.74
N HIS A 407 8.46 -4.49 25.57
CA HIS A 407 7.22 -3.83 25.27
C HIS A 407 6.01 -4.66 24.98
N ASP A 408 6.09 -5.96 25.16
CA ASP A 408 4.91 -6.82 25.02
C ASP A 408 3.80 -6.32 25.92
N GLY A 409 2.59 -6.10 25.38
CA GLY A 409 1.51 -5.59 26.20
C GLY A 409 1.41 -4.06 26.29
N GLN A 410 2.28 -3.34 25.60
CA GLN A 410 2.33 -1.88 25.78
C GLN A 410 2.01 -1.18 24.48
N ALA A 411 1.61 0.08 24.64
CA ALA A 411 1.48 1.02 23.52
C ALA A 411 2.67 1.98 23.40
N VAL A 412 3.53 1.81 22.41
CA VAL A 412 4.82 2.43 22.34
C VAL A 412 5.09 3.28 21.07
N THR A 413 6.32 3.78 20.96
CA THR A 413 6.69 4.80 19.94
C THR A 413 7.75 4.27 19.02
N CYS A 414 7.88 4.94 17.87
CA CYS A 414 8.99 4.68 16.98
C CYS A 414 10.37 4.76 17.75
N ASP A 415 10.49 5.71 18.68
CA ASP A 415 11.76 5.86 19.45
C ASP A 415 12.12 4.58 20.20
N ASP A 416 11.10 3.90 20.72
CA ASP A 416 11.29 2.66 21.51
C ASP A 416 11.83 1.52 20.64
N PHE A 417 11.33 1.44 19.41
CA PHE A 417 11.84 0.45 18.48
C PHE A 417 13.30 0.74 18.15
N ARG A 418 13.60 2.01 17.85
CA ARG A 418 14.93 2.41 17.54
C ARG A 418 15.85 2.07 18.76
N ALA A 419 15.41 2.37 19.97
CA ALA A 419 16.18 2.08 21.18
C ALA A 419 16.42 0.59 21.37
N ALA A 420 15.45 -0.22 21.02
CA ALA A 420 15.63 -1.65 21.15
C ALA A 420 16.72 -2.12 20.16
N ALA A 422 19.17 -0.35 18.90
CA ALA A 422 20.42 0.21 19.38
C ALA A 422 20.96 -0.54 20.59
N ASP A 423 20.13 -0.66 21.60
CA ASP A 423 20.55 -1.32 22.83
C ASP A 423 20.89 -2.83 22.67
N ALA A 424 20.15 -3.59 21.86
CA ALA A 424 20.44 -5.02 21.74
C ALA A 424 21.77 -5.28 21.04
N ASN A 425 22.22 -4.32 20.26
CA ASN A 425 23.40 -4.47 19.44
C ASN A 425 24.58 -3.59 19.94
N GLY A 426 24.35 -2.86 21.05
CA GLY A 426 25.32 -1.99 21.63
C GLY A 426 25.89 -0.93 20.74
N ILE A 427 25.04 -0.27 19.97
CA ILE A 427 25.44 0.67 18.97
C ILE A 427 24.59 1.95 19.14
N ASN A 428 25.17 3.09 18.78
CA ASN A 428 24.50 4.35 18.86
C ASN A 428 23.76 4.63 17.57
N LEU A 429 22.44 4.75 17.71
CA LEU A 429 21.58 5.02 16.54
C LEU A 429 20.81 6.37 16.73
N ASP A 430 21.37 7.29 17.50
CA ASP A 430 20.70 8.60 17.76
C ASP A 430 20.43 9.34 16.41
N GLN A 431 21.39 9.32 15.50
CA GLN A 431 21.26 10.03 14.23
C GLN A 431 20.16 9.40 13.36
N PHE A 432 19.93 8.11 13.56
CA PHE A 432 18.95 7.37 12.83
C PHE A 432 17.55 7.91 13.06
N ALA A 433 17.31 8.59 14.15
CA ALA A 433 15.97 9.13 14.44
C ALA A 433 15.49 10.09 13.35
N LEU A 434 16.42 10.74 12.67
CA LEU A 434 16.07 11.69 11.59
C LEU A 434 15.25 11.01 10.49
N TRP A 435 15.35 9.70 10.32
CA TRP A 435 14.56 8.99 9.35
C TRP A 435 13.09 9.03 9.68
N TYR A 436 12.76 9.27 10.95
CA TYR A 436 11.37 9.40 11.37
C TYR A 436 10.85 10.83 11.28
N SER A 437 11.75 11.79 11.45
CA SER A 437 11.33 13.16 11.73
C SER A 437 11.53 14.10 10.58
N GLN A 438 12.41 13.74 9.66
CA GLN A 438 12.74 14.49 8.46
C GLN A 438 12.07 13.98 7.23
N ALA A 439 11.15 14.79 6.68
CA ALA A 439 10.50 14.43 5.44
C ALA A 439 11.44 14.74 4.25
N GLY A 440 11.08 14.28 3.06
CA GLY A 440 11.81 14.52 1.82
C GLY A 440 12.76 13.43 1.38
N THR A 441 12.96 13.25 0.08
CA THR A 441 13.97 12.27 -0.43
C THR A 441 15.38 12.88 -0.40
N PRO A 442 16.31 12.26 0.35
CA PRO A 442 17.70 12.76 0.28
C PRO A 442 18.28 12.57 -1.11
N VAL A 443 19.09 13.54 -1.51
CA VAL A 443 19.80 13.55 -2.75
C VAL A 443 21.33 13.48 -2.40
N LEU A 444 21.90 12.45 -2.94
CA LEU A 444 23.32 12.18 -2.84
C LEU A 444 23.94 12.58 -4.14
N GLU A 445 24.96 13.44 -4.04
CA GLU A 445 25.81 13.75 -5.16
C GLU A 445 27.19 13.10 -5.03
N ALA A 446 27.53 12.20 -5.94
CA ALA A 446 28.76 11.42 -5.80
C ALA A 446 29.69 11.51 -7.03
N GLU A 447 30.99 11.37 -6.74
CA GLU A 447 32.09 11.52 -7.70
C GLU A 447 33.14 10.53 -7.22
N GLY A 448 33.77 9.88 -8.17
CA GLY A 448 34.80 8.86 -7.92
C GLY A 448 36.04 9.03 -8.77
N ARG A 449 37.19 8.69 -8.21
CA ARG A 449 38.49 8.85 -8.90
C ARG A 449 39.40 7.73 -8.45
N LEU A 450 40.10 7.10 -9.39
CA LEU A 450 41.07 6.06 -9.05
C LEU A 450 42.47 6.69 -9.16
N LYS A 451 43.06 7.04 -8.03
CA LYS A 451 44.38 7.68 -7.99
C LYS A 451 45.29 6.86 -7.11
N ASN A 452 46.49 6.61 -7.64
CA ASN A 452 47.34 5.54 -7.13
C ASN A 452 46.55 4.27 -7.32
N ASN A 453 46.36 3.53 -6.23
CA ASN A 453 45.51 2.35 -6.27
C ASN A 453 44.38 2.48 -5.27
N ILE A 454 43.94 3.71 -5.08
CA ILE A 454 42.82 3.99 -4.20
C ILE A 454 41.68 4.45 -5.11
N PHE A 455 40.49 3.88 -4.94
CA PHE A 455 39.29 4.49 -5.53
C PHE A 455 38.72 5.41 -4.44
N GLU A 456 38.70 6.69 -4.73
CA GLU A 456 38.22 7.70 -3.81
C GLU A 456 36.79 8.07 -4.23
N LEU A 457 35.83 7.66 -3.40
CA LEU A 457 34.41 7.96 -3.68
C LEU A 457 34.01 9.10 -2.75
N THR A 458 33.79 10.28 -3.32
CA THR A 458 33.29 11.42 -2.55
C THR A 458 31.77 11.50 -2.69
N VAL A 459 31.09 11.75 -1.57
CA VAL A 459 29.62 11.68 -1.58
C VAL A 459 29.10 12.82 -0.73
N LYS A 460 28.17 13.62 -1.24
CA LYS A 460 27.57 14.67 -0.49
C LYS A 460 26.06 14.34 -0.35
N GLN A 461 25.43 14.84 0.68
CA GLN A 461 24.00 14.61 0.89
C GLN A 461 23.36 15.93 1.25
N THR A 462 22.11 16.00 0.82
CA THR A 462 21.27 17.12 1.08
C THR A 462 19.83 16.64 1.06
N VAL A 463 18.99 17.24 1.89
CA VAL A 463 17.57 16.92 1.87
C VAL A 463 16.82 18.24 1.68
N PRO A 464 15.94 18.32 0.68
CA PRO A 464 15.23 19.58 0.48
C PRO A 464 14.25 19.94 1.66
N PRO A 465 13.96 21.22 1.86
CA PRO A 465 12.85 21.66 2.68
C PRO A 465 11.58 21.00 2.19
N THR A 466 10.66 20.78 3.11
CA THR A 466 9.32 20.25 2.81
C THR A 466 8.35 21.20 3.51
N PRO A 467 7.04 21.11 3.23
CA PRO A 467 6.13 22.15 3.75
C PRO A 467 6.13 22.27 5.29
N ASP A 468 6.42 21.19 5.96
CA ASP A 468 6.48 21.22 7.43
C ASP A 468 7.79 21.63 8.02
N THR A 470 12.02 23.24 7.20
CA THR A 470 13.07 23.74 6.33
C THR A 470 14.44 23.15 6.65
N ASP A 471 14.76 23.09 7.92
CA ASP A 471 16.04 22.55 8.38
C ASP A 471 16.11 21.03 8.25
N LYS A 472 17.03 20.53 7.42
CA LYS A 472 17.21 19.11 7.29
C LYS A 472 18.72 18.86 7.53
N GLN A 473 19.02 18.15 8.62
CA GLN A 473 20.42 17.85 8.94
C GLN A 473 20.85 16.58 8.26
N PRO A 474 22.19 16.34 8.20
CA PRO A 474 22.74 15.14 7.63
C PRO A 474 22.16 13.89 8.29
N ILE A 477 23.05 7.25 6.28
CA ILE A 477 22.70 6.67 5.05
C ILE A 477 23.68 5.59 4.61
N PRO A 478 23.24 4.31 4.56
CA PRO A 478 24.15 3.25 4.09
C PRO A 478 24.15 3.14 2.59
N VAL A 479 25.34 3.18 2.01
CA VAL A 479 25.49 3.02 0.61
C VAL A 479 26.28 1.79 0.30
N LYS A 480 25.64 0.79 -0.24
CA LYS A 480 26.32 -0.44 -0.55
C LYS A 480 26.98 -0.30 -1.90
N VAL A 481 28.26 -0.72 -1.99
CA VAL A 481 29.04 -0.53 -3.23
C VAL A 481 29.85 -1.72 -3.69
N GLY A 482 30.11 -1.74 -4.99
CA GLY A 482 31.05 -2.68 -5.59
C GLY A 482 31.75 -1.97 -6.71
N LEU A 483 32.70 -2.68 -7.33
CA LEU A 483 33.46 -2.18 -8.47
C LEU A 483 33.55 -3.22 -9.61
N LEU A 484 33.39 -2.74 -10.83
CA LEU A 484 33.47 -3.55 -12.01
C LEU A 484 34.70 -3.15 -12.86
N ASN A 485 35.42 -4.11 -13.44
CA ASN A 485 36.52 -3.76 -14.34
C ASN A 485 35.96 -3.59 -15.75
N ARG A 486 36.87 -3.41 -16.72
CA ARG A 486 36.53 -3.09 -18.12
C ARG A 486 35.72 -4.22 -18.80
N ASN A 487 35.83 -5.44 -18.31
CA ASN A 487 35.00 -6.55 -18.80
C ASN A 487 33.90 -6.90 -17.81
N GLY A 488 33.61 -5.99 -16.89
CA GLY A 488 32.52 -6.16 -15.97
C GLY A 488 32.62 -7.25 -14.93
N GLU A 489 33.82 -7.75 -14.62
CA GLU A 489 33.90 -8.66 -13.47
C GLU A 489 34.15 -7.86 -12.24
N ALA A 490 33.91 -8.51 -11.12
CA ALA A 490 34.06 -7.90 -9.82
C ALA A 490 35.53 -7.64 -9.55
N VAL A 491 35.82 -6.52 -8.87
CA VAL A 491 37.16 -6.17 -8.42
C VAL A 491 37.13 -6.01 -6.92
N ALA A 492 38.03 -6.71 -6.22
CA ALA A 492 38.15 -6.62 -4.77
C ALA A 492 38.85 -5.34 -4.37
N PHE A 493 38.58 -4.91 -3.14
CA PHE A 493 39.15 -3.68 -2.60
C PHE A 493 39.19 -3.79 -1.09
N ASP A 494 39.98 -2.91 -0.50
CA ASP A 494 40.20 -2.90 0.93
C ASP A 494 39.46 -1.74 1.58
N TYR A 495 38.75 -2.03 2.66
CA TYR A 495 37.87 -1.14 3.40
C TYR A 495 37.20 -2.03 4.44
N GLN A 496 37.23 -1.75 5.72
CA GLN A 496 38.16 -0.91 6.40
C GLN A 496 38.85 -2.06 7.14
N GLY A 497 40.14 -2.23 6.83
CA GLY A 497 40.86 -3.46 7.16
C GLY A 497 40.23 -4.79 6.74
N LYS A 498 39.41 -4.82 5.68
CA LYS A 498 38.88 -6.11 5.15
C LYS A 498 38.90 -6.10 3.62
N ARG A 499 39.34 -7.20 3.01
CA ARG A 499 39.46 -7.27 1.57
C ARG A 499 38.22 -7.96 1.05
N ALA A 500 37.32 -7.25 0.33
CA ALA A 500 36.11 -7.91 -0.21
C ALA A 500 35.67 -7.33 -1.51
N THR A 501 34.60 -7.89 -2.05
CA THR A 501 34.10 -7.41 -3.34
C THR A 501 32.87 -6.46 -3.16
N GLU A 502 32.46 -6.25 -1.91
CA GLU A 502 31.32 -5.37 -1.60
C GLU A 502 31.50 -4.79 -0.22
N ALA A 503 30.94 -3.60 0.02
CA ALA A 503 31.01 -3.03 1.35
C ALA A 503 29.82 -2.06 1.53
N VAL A 504 29.43 -1.85 2.76
CA VAL A 504 28.48 -0.80 3.07
C VAL A 504 29.19 0.43 3.55
N LEU A 505 29.14 1.50 2.76
CA LEU A 505 29.75 2.75 3.14
C LEU A 505 28.73 3.56 3.89
N LEU A 506 29.05 3.92 5.10
CA LEU A 506 28.11 4.61 5.94
C LEU A 506 28.29 6.13 5.90
N LEU A 507 27.44 6.82 5.12
CA LEU A 507 27.51 8.26 5.03
C LEU A 507 26.77 8.87 6.23
N THR A 508 27.45 9.66 7.04
CA THR A 508 26.84 10.27 8.27
C THR A 508 26.98 11.79 8.30
N GLU A 509 27.84 12.33 7.44
CA GLU A 509 28.09 13.76 7.42
C GLU A 509 27.53 14.37 6.13
N ALA A 510 27.54 15.72 6.06
CA ALA A 510 27.17 16.42 4.82
C ALA A 510 27.99 15.95 3.64
N GLU A 511 29.27 15.72 3.85
CA GLU A 511 30.14 15.31 2.75
C GLU A 511 31.22 14.40 3.28
N GLN A 512 31.50 13.28 2.61
CA GLN A 512 32.56 12.37 3.06
C GLN A 512 33.25 11.78 1.87
N THR A 513 34.52 11.43 2.10
CA THR A 513 35.26 10.67 1.12
C THR A 513 35.55 9.29 1.66
N PHE A 514 35.34 8.29 0.82
CA PHE A 514 35.54 6.91 1.22
C PHE A 514 36.67 6.37 0.40
N LEU A 515 37.63 5.77 1.08
CA LEU A 515 38.84 5.27 0.42
C LEU A 515 38.79 3.76 0.22
N LEU A 516 38.56 3.30 -1.00
CA LEU A 516 38.58 1.87 -1.33
C LEU A 516 39.99 1.56 -1.87
N GLU A 517 40.76 0.86 -1.10
CA GLU A 517 42.21 0.81 -1.33
C GLU A 517 42.55 -0.50 -2.03
N GLY A 518 43.80 -0.61 -2.50
CA GLY A 518 44.29 -1.86 -3.03
C GLY A 518 43.60 -2.26 -4.33
N VAL A 519 43.19 -1.29 -5.11
CA VAL A 519 42.51 -1.57 -6.36
C VAL A 519 43.50 -1.58 -7.50
N THR A 520 43.57 -2.66 -8.28
CA THR A 520 44.64 -2.81 -9.31
C THR A 520 44.18 -2.70 -10.78
N GLU A 521 42.91 -2.38 -11.01
CA GLU A 521 42.43 -2.26 -12.38
C GLU A 521 41.56 -1.02 -12.50
N ALA A 522 41.39 -0.56 -13.74
CA ALA A 522 40.51 0.55 -14.00
C ALA A 522 39.10 0.06 -13.59
N VAL A 523 38.39 0.86 -12.79
CA VAL A 523 37.04 0.48 -12.31
C VAL A 523 35.92 1.48 -12.57
N VAL A 524 34.70 0.94 -12.65
CA VAL A 524 33.42 1.68 -12.60
C VAL A 524 32.69 1.17 -11.39
N PRO A 525 32.29 2.07 -10.46
CA PRO A 525 31.58 1.60 -9.31
C PRO A 525 30.08 1.29 -9.59
N SER A 526 29.61 0.30 -8.84
CA SER A 526 28.22 -0.05 -8.67
C SER A 526 27.81 0.48 -7.30
N LEU A 527 26.74 1.27 -7.27
CA LEU A 527 26.41 2.03 -6.08
C LEU A 527 24.97 1.84 -5.67
N LEU A 528 24.74 1.91 -4.36
CA LEU A 528 23.40 1.83 -3.75
C LEU A 528 22.80 0.44 -4.02
N ARG A 529 23.65 -0.59 -3.93
CA ARG A 529 23.22 -1.95 -4.18
C ARG A 529 22.09 -2.38 -3.31
N GLY A 530 21.15 -3.11 -3.91
CA GLY A 530 19.94 -3.53 -3.22
C GLY A 530 19.04 -2.36 -2.78
N PHE A 531 19.30 -1.14 -3.33
CA PHE A 531 18.65 0.13 -2.98
C PHE A 531 18.83 0.27 -1.52
N SER A 532 20.08 0.44 -1.11
CA SER A 532 20.45 0.28 0.27
C SER A 532 19.96 1.42 1.12
N ALA A 533 19.53 2.51 0.51
CA ALA A 533 18.80 3.62 1.25
C ALA A 533 17.84 4.33 0.31
N PRO A 534 16.71 4.86 0.84
CA PRO A 534 15.65 5.39 0.01
C PRO A 534 16.00 6.84 -0.44
N VAL A 535 16.94 6.96 -1.40
CA VAL A 535 17.56 8.20 -1.79
C VAL A 535 17.57 8.33 -3.31
N HIS A 536 17.85 9.54 -3.78
CA HIS A 536 18.16 9.82 -5.20
C HIS A 536 19.68 9.91 -5.20
N LEU A 537 20.37 9.17 -6.05
CA LEU A 537 21.83 9.23 -6.17
C LEU A 537 22.24 9.66 -7.58
N ASN A 538 23.12 10.64 -7.67
CA ASN A 538 23.63 11.15 -8.92
C ASN A 538 25.12 10.89 -8.98
N TYR A 539 25.48 10.11 -9.96
CA TYR A 539 26.86 9.82 -10.24
C TYR A 539 27.01 9.99 -11.73
N PRO A 540 28.18 10.50 -12.21
CA PRO A 540 28.32 10.77 -13.62
C PRO A 540 28.69 9.52 -14.36
N TYR A 541 27.71 8.89 -14.99
CA TYR A 541 27.93 7.64 -15.69
C TYR A 541 27.80 7.90 -17.17
N SER A 542 28.70 7.34 -17.97
CA SER A 542 28.56 7.44 -19.40
C SER A 542 27.53 6.43 -19.84
N ASP A 543 26.99 6.59 -21.03
CA ASP A 543 26.14 5.56 -21.61
C ASP A 543 26.89 4.22 -21.64
N ASP A 544 28.18 4.19 -21.97
CA ASP A 544 28.88 2.89 -21.95
C ASP A 544 29.00 2.23 -20.56
N ASP A 545 29.14 3.05 -19.54
CA ASP A 545 29.16 2.64 -18.16
C ASP A 545 27.78 1.99 -17.81
N LEU A 546 26.70 2.64 -18.21
CA LEU A 546 25.37 2.07 -17.97
C LEU A 546 25.23 0.73 -18.70
N LEU A 547 25.73 0.62 -19.94
CA LEU A 547 25.62 -0.66 -20.66
C LEU A 547 26.43 -1.72 -19.99
N LEU A 548 27.59 -1.34 -19.47
CA LEU A 548 28.40 -2.30 -18.74
C LEU A 548 27.70 -2.83 -17.49
N LEU A 549 27.15 -1.91 -16.68
CA LEU A 549 26.44 -2.30 -15.47
C LEU A 549 25.27 -3.24 -15.80
N LEU A 550 24.51 -2.90 -16.84
CA LEU A 550 23.33 -3.67 -17.21
C LEU A 550 23.71 -5.08 -17.65
N ALA A 551 24.78 -5.16 -18.44
CA ALA A 551 25.27 -6.47 -18.94
C ALA A 551 25.90 -7.31 -17.86
N HIS A 552 26.58 -6.68 -16.91
CA HIS A 552 27.52 -7.46 -16.09
C HIS A 552 27.42 -7.36 -14.59
N ASP A 553 26.71 -6.39 -14.03
CA ASP A 553 26.73 -6.23 -12.59
C ASP A 553 26.04 -7.39 -11.91
N SER A 554 26.51 -7.74 -10.73
CA SER A 554 25.94 -8.88 -10.01
C SER A 554 24.74 -8.52 -9.10
N ASP A 555 24.35 -7.25 -8.99
CA ASP A 555 23.25 -6.89 -8.07
C ASP A 555 22.06 -6.58 -8.98
N ALA A 556 20.87 -7.12 -8.65
CA ALA A 556 19.67 -6.85 -9.45
C ALA A 556 19.34 -5.40 -9.56
N PHE A 557 19.26 -4.69 -8.45
CA PHE A 557 18.84 -3.31 -8.49
C PHE A 557 19.71 -2.44 -9.38
N THR A 558 21.02 -2.53 -9.20
CA THR A 558 21.86 -1.68 -9.94
C THR A 558 21.84 -2.02 -11.43
N ARG A 559 21.60 -3.26 -11.82
CA ARG A 559 21.48 -3.59 -13.24
C ARG A 559 20.19 -2.97 -13.77
N TRP A 560 19.08 -3.17 -13.06
CA TRP A 560 17.81 -2.54 -13.45
C TRP A 560 17.84 -1.01 -13.41
N GLU A 561 18.48 -0.41 -12.41
CA GLU A 561 18.71 1.05 -12.42
C GLU A 561 19.50 1.59 -13.60
N ALA A 562 20.49 0.84 -14.07
CA ALA A 562 21.19 1.20 -15.26
C ALA A 562 20.23 1.22 -16.47
N ALA A 563 19.38 0.23 -16.63
CA ALA A 563 18.35 0.25 -17.71
C ALA A 563 17.41 1.41 -17.58
N GLN A 564 16.92 1.64 -16.35
CA GLN A 564 16.04 2.74 -16.06
C GLN A 564 16.62 4.07 -16.47
N THR A 565 17.92 4.24 -16.20
CA THR A 565 18.66 5.45 -16.55
C THR A 565 18.79 5.65 -18.06
N LEU A 566 19.04 4.56 -18.78
CA LEU A 566 19.06 4.60 -20.24
C LEU A 566 17.69 5.02 -20.79
N TYR A 567 16.63 4.43 -20.27
CA TYR A 567 15.27 4.81 -20.77
C TYR A 567 14.99 6.26 -20.48
N ARG A 568 15.37 6.69 -19.28
CA ARG A 568 15.10 8.05 -18.90
C ARG A 568 15.84 9.05 -19.80
N ARG A 569 17.09 8.76 -20.03
CA ARG A 569 17.89 9.57 -20.95
C ARG A 569 17.26 9.55 -22.37
N ALA A 570 16.69 8.44 -22.80
CA ALA A 570 16.07 8.44 -24.13
C ALA A 570 14.81 9.28 -24.17
N VAL A 571 14.03 9.19 -23.10
CA VAL A 571 12.82 9.99 -23.02
C VAL A 571 13.20 11.45 -23.02
N ALA A 572 14.26 11.81 -22.29
CA ALA A 572 14.73 13.22 -22.28
C ALA A 572 15.16 13.68 -23.63
N ALA A 573 15.87 12.82 -24.36
CA ALA A 573 16.19 13.10 -25.74
C ALA A 573 14.99 13.27 -26.68
N ASN A 574 13.96 12.47 -26.50
CA ASN A 574 12.76 12.64 -27.28
C ASN A 574 12.08 13.93 -27.00
N LEU A 575 12.11 14.37 -25.74
CA LEU A 575 11.44 15.58 -25.39
C LEU A 575 12.05 16.70 -26.19
N ALA A 576 13.37 16.71 -26.26
CA ALA A 576 14.13 17.75 -27.00
C ALA A 576 13.80 17.76 -28.49
N THR A 577 13.80 16.61 -29.14
CA THR A 577 13.50 16.63 -30.56
C THR A 577 12.07 17.04 -30.85
N LEU A 578 11.14 16.45 -30.11
CA LEU A 578 9.73 16.78 -30.28
C LEU A 578 9.52 18.28 -30.06
N SER A 579 10.22 18.88 -29.12
CA SER A 579 10.05 20.29 -28.88
C SER A 579 10.74 21.16 -29.97
N ASP A 580 11.83 20.68 -30.57
CA ASP A 580 12.45 21.40 -31.72
C ASP A 580 11.78 21.14 -33.06
N GLY A 581 10.71 20.34 -33.08
CA GLY A 581 10.10 19.83 -34.31
C GLY A 581 11.08 19.12 -35.27
N VAL A 582 11.99 18.30 -34.75
CA VAL A 582 12.90 17.51 -35.59
C VAL A 582 12.58 16.02 -35.45
N GLU A 583 13.25 15.20 -36.23
CA GLU A 583 13.05 13.77 -36.24
C GLU A 583 13.48 13.20 -34.87
N LEU A 584 12.90 12.08 -34.46
CA LEU A 584 13.25 11.47 -33.17
C LEU A 584 14.69 10.98 -33.20
N PRO A 585 15.37 10.95 -32.06
CA PRO A 585 16.70 10.39 -32.00
C PRO A 585 16.74 8.98 -32.45
N LYS A 586 17.94 8.48 -32.70
CA LYS A 586 18.13 7.10 -33.12
C LYS A 586 18.17 6.13 -31.93
N HIS A 587 18.64 6.62 -30.78
CA HIS A 587 18.82 5.81 -29.57
C HIS A 587 19.64 4.59 -29.87
N GLU A 588 20.68 4.72 -30.67
CA GLU A 588 21.45 3.54 -31.10
C GLU A 588 21.95 2.66 -29.95
N LYS A 589 22.44 3.24 -28.87
CA LYS A 589 22.96 2.41 -27.77
C LYS A 589 21.88 1.76 -26.91
N LEU A 590 20.82 2.51 -26.61
CA LEU A 590 19.74 1.90 -25.95
C LEU A 590 19.23 0.69 -26.75
N LEU A 591 19.02 0.82 -28.07
CA LEU A 591 18.50 -0.26 -28.88
C LEU A 591 19.39 -1.47 -28.82
N ALA A 592 20.68 -1.25 -28.91
CA ALA A 592 21.63 -2.35 -28.72
C ALA A 592 21.54 -2.98 -27.32
N ALA A 593 21.39 -2.20 -26.26
CA ALA A 593 21.23 -2.81 -24.93
C ALA A 593 19.97 -3.65 -24.80
N VAL A 594 18.86 -3.11 -25.33
CA VAL A 594 17.61 -3.80 -25.30
C VAL A 594 17.73 -5.10 -26.10
N GLU A 595 18.35 -5.05 -27.29
CA GLU A 595 18.52 -6.27 -28.08
C GLU A 595 19.27 -7.34 -27.24
N LYS A 596 20.25 -6.93 -26.48
CA LYS A 596 20.95 -7.88 -25.60
C LYS A 596 20.04 -8.50 -24.55
N VAL A 597 19.21 -7.67 -23.89
CA VAL A 597 18.33 -8.17 -22.88
C VAL A 597 17.42 -9.18 -23.53
N ILE A 598 16.81 -8.80 -24.65
CA ILE A 598 15.85 -9.64 -25.26
C ILE A 598 16.42 -11.02 -25.51
N SER A 599 17.62 -11.00 -26.04
CA SER A 599 18.26 -12.21 -26.51
C SER A 599 18.97 -13.00 -25.45
N ASP A 600 19.13 -12.46 -24.25
CA ASP A 600 19.88 -13.15 -23.20
C ASP A 600 19.04 -14.25 -22.52
N ASP A 601 19.42 -15.51 -22.74
CA ASP A 601 18.64 -16.64 -22.20
C ASP A 601 18.99 -17.03 -20.77
N LEU A 602 20.01 -16.44 -20.18
CA LEU A 602 20.35 -16.68 -18.77
C LEU A 602 19.60 -15.74 -17.81
N LEU A 603 19.00 -14.69 -18.36
CA LEU A 603 18.20 -13.80 -17.54
C LEU A 603 16.94 -14.50 -17.06
N ASP A 604 16.72 -14.49 -15.75
CA ASP A 604 15.41 -14.82 -15.17
C ASP A 604 14.25 -14.11 -15.90
N ASN A 605 13.17 -14.82 -16.17
CA ASN A 605 12.09 -14.31 -17.02
C ASN A 605 11.46 -13.04 -16.46
N ALA A 606 11.21 -13.06 -15.15
CA ALA A 606 10.52 -11.95 -14.54
C ALA A 606 11.45 -10.75 -14.40
N PHE A 607 12.76 -11.00 -14.20
CA PHE A 607 13.77 -9.94 -14.19
C PHE A 607 13.93 -9.34 -15.57
N LYS A 608 13.96 -10.22 -16.57
CA LYS A 608 13.91 -9.72 -17.93
C LYS A 608 12.75 -8.74 -18.21
N ALA A 609 11.54 -9.10 -17.76
CA ALA A 609 10.35 -8.27 -17.98
C ALA A 609 10.55 -6.88 -17.35
N LEU A 610 11.04 -6.84 -16.13
CA LEU A 610 11.41 -5.54 -15.48
C LEU A 610 12.44 -4.70 -16.22
N LEU A 611 13.45 -5.35 -16.78
CA LEU A 611 14.46 -4.63 -17.54
C LEU A 611 13.87 -4.02 -18.80
N LEU A 612 12.66 -4.48 -19.18
CA LEU A 612 12.00 -4.00 -20.41
C LEU A 612 10.86 -3.07 -20.09
N GLY A 613 10.72 -2.70 -18.80
CA GLY A 613 9.76 -1.67 -18.38
C GLY A 613 10.34 -0.25 -18.39
N VAL A 614 9.57 0.70 -18.91
CA VAL A 614 9.97 2.06 -19.06
C VAL A 614 9.40 2.89 -17.91
N PRO A 615 10.18 3.77 -17.28
CA PRO A 615 9.71 4.48 -16.12
C PRO A 615 8.43 5.23 -16.45
N SER A 616 7.60 5.48 -15.44
CA SER A 616 6.35 6.17 -15.70
C SER A 616 6.57 7.66 -15.95
N GLU A 617 5.55 8.31 -16.48
CA GLU A 617 5.56 9.74 -16.67
C GLU A 617 5.96 10.51 -15.37
N ALA A 618 5.41 10.12 -14.22
CA ALA A 618 5.72 10.86 -12.97
C ALA A 618 7.19 10.71 -12.60
N GLU A 619 7.76 9.53 -12.87
CA GLU A 619 9.21 9.39 -12.64
C GLU A 619 9.97 10.26 -13.58
N LEU A 620 9.47 10.38 -14.81
CA LEU A 620 10.16 11.15 -15.80
C LEU A 620 10.09 12.63 -15.55
N TRP A 621 8.96 13.15 -15.06
CA TRP A 621 8.91 14.55 -14.70
C TRP A 621 9.32 14.90 -13.29
N ASP A 622 9.81 13.91 -12.56
CA ASP A 622 10.37 14.19 -11.24
C ASP A 622 11.40 15.33 -11.24
N GLY A 623 11.21 16.34 -10.40
CA GLY A 623 12.17 17.42 -10.31
C GLY A 623 11.93 18.57 -11.27
N ALA A 624 10.91 18.50 -12.15
CA ALA A 624 10.68 19.54 -13.12
C ALA A 624 9.67 20.58 -12.67
N GLU A 625 9.71 21.72 -13.33
CA GLU A 625 8.75 22.79 -13.08
C GLU A 625 8.03 23.04 -14.39
N ASN A 626 6.88 23.64 -14.28
CA ASN A 626 6.12 24.05 -15.43
C ASN A 626 5.91 22.87 -16.36
N ILE A 627 5.42 21.79 -15.76
CA ILE A 627 5.25 20.55 -16.48
C ILE A 627 4.00 20.57 -17.37
N ASP A 628 4.17 20.12 -18.61
CA ASP A 628 3.03 19.82 -19.47
C ASP A 628 3.02 18.30 -19.53
N PRO A 629 2.06 17.69 -18.84
CA PRO A 629 2.09 16.22 -18.71
C PRO A 629 1.98 15.51 -20.08
N LEU A 630 1.25 16.13 -20.99
CA LEU A 630 1.09 15.55 -22.33
C LEU A 630 2.40 15.48 -23.15
N ARG A 631 3.26 16.47 -23.01
CA ARG A 631 4.58 16.41 -23.58
C ARG A 631 5.37 15.22 -23.04
N TYR A 632 5.39 14.97 -21.73
CA TYR A 632 6.05 13.76 -21.23
C TYR A 632 5.40 12.47 -21.72
N HIS A 633 4.07 12.43 -21.69
CA HIS A 633 3.34 11.30 -22.25
C HIS A 633 3.74 11.05 -23.68
N GLN A 634 3.77 12.11 -24.50
N GLN A 634 3.82 12.11 -24.48
CA GLN A 634 4.14 11.99 -25.94
CA GLN A 634 4.09 11.94 -25.92
C GLN A 634 5.54 11.38 -26.08
C GLN A 634 5.55 11.53 -26.20
N ALA A 635 6.48 11.89 -25.31
CA ALA A 635 7.88 11.42 -25.39
C ALA A 635 8.04 9.97 -24.99
N ARG A 636 7.36 9.60 -23.90
CA ARG A 636 7.33 8.19 -23.48
C ARG A 636 6.67 7.23 -24.50
N GLU A 637 5.49 7.64 -24.99
CA GLU A 637 4.80 6.88 -25.99
C GLU A 637 5.70 6.69 -27.23
N ALA A 638 6.38 7.74 -27.64
CA ALA A 638 7.32 7.65 -28.85
C ALA A 638 8.44 6.64 -28.62
N LEU A 639 8.94 6.63 -27.40
CA LEU A 639 9.92 5.61 -27.05
C LEU A 639 9.35 4.17 -27.10
N LEU A 640 8.22 3.95 -26.49
CA LEU A 640 7.58 2.66 -26.47
C LEU A 640 7.26 2.25 -27.92
N ASP A 641 6.72 3.18 -28.75
CA ASP A 641 6.43 2.89 -30.19
C ASP A 641 7.70 2.49 -30.94
N THR A 642 8.79 3.19 -30.68
CA THR A 642 10.11 2.84 -31.25
C THR A 642 10.51 1.45 -30.87
N LEU A 643 10.47 1.15 -29.56
CA LEU A 643 10.84 -0.18 -29.14
C LEU A 643 9.91 -1.24 -29.72
N ALA A 644 8.58 -0.94 -29.74
CA ALA A 644 7.58 -1.89 -30.26
C ALA A 644 7.91 -2.24 -31.74
N VAL A 645 8.06 -1.20 -32.56
CA VAL A 645 8.25 -1.39 -33.98
C VAL A 645 9.64 -1.95 -34.30
N HIS A 646 10.66 -1.35 -33.74
CA HIS A 646 12.02 -1.84 -34.02
C HIS A 646 12.15 -3.32 -33.77
N PHE A 647 11.62 -3.83 -32.68
CA PHE A 647 11.86 -5.25 -32.37
C PHE A 647 10.61 -6.16 -32.59
N LEU A 648 9.63 -5.75 -33.38
CA LEU A 648 8.39 -6.51 -33.55
C LEU A 648 8.59 -8.01 -33.72
N PRO A 649 9.39 -8.45 -34.73
CA PRO A 649 9.54 -9.90 -34.87
C PRO A 649 10.13 -10.57 -33.62
N LYS A 650 11.09 -9.91 -32.94
CA LYS A 650 11.69 -10.49 -31.69
C LYS A 650 10.72 -10.48 -30.49
N TRP A 651 9.76 -9.55 -30.47
CA TRP A 651 8.67 -9.61 -29.49
C TRP A 651 7.77 -10.87 -29.72
N HIS A 652 7.43 -11.12 -30.97
CA HIS A 652 6.71 -12.37 -31.31
C HIS A 652 7.47 -13.64 -30.87
N GLU A 653 8.77 -13.67 -31.11
CA GLU A 653 9.62 -14.80 -30.74
C GLU A 653 9.75 -15.03 -29.27
N LEU A 654 9.96 -13.96 -28.54
CA LEU A 654 10.02 -14.05 -27.10
C LEU A 654 8.70 -14.57 -26.53
N ASN A 655 7.58 -14.10 -27.07
CA ASN A 655 6.27 -14.52 -26.63
C ASN A 655 6.16 -16.03 -26.84
N ARG A 656 6.55 -16.49 -28.03
CA ARG A 656 6.52 -17.88 -28.32
C ARG A 656 7.42 -18.71 -27.41
N GLN A 657 8.63 -18.27 -27.11
CA GLN A 657 9.47 -19.01 -26.16
C GLN A 657 8.84 -19.05 -24.79
N ALA A 658 8.24 -17.94 -24.39
CA ALA A 658 7.59 -17.90 -23.08
C ALA A 658 6.38 -18.84 -23.02
N ALA A 659 5.56 -18.88 -24.08
CA ALA A 659 4.44 -19.79 -24.11
C ALA A 659 4.88 -21.25 -24.04
N LYS A 660 5.93 -21.58 -24.80
CA LYS A 660 6.45 -22.93 -24.76
C LYS A 660 6.90 -23.32 -23.35
N GLN A 661 7.52 -22.38 -22.64
CA GLN A 661 8.08 -22.71 -21.34
C GLN A 661 6.98 -22.76 -20.28
N GLU A 662 5.89 -22.04 -20.52
CA GLU A 662 4.79 -22.02 -19.58
C GLU A 662 4.19 -23.38 -19.61
N ASN A 663 4.20 -24.01 -20.78
CA ASN A 663 3.93 -25.42 -20.86
C ASN A 663 2.56 -25.76 -20.29
N GLN A 664 1.60 -24.91 -20.59
CA GLN A 664 0.23 -25.19 -20.21
C GLN A 664 -0.02 -25.34 -18.68
N SER A 665 0.86 -24.80 -17.88
CA SER A 665 0.70 -24.81 -16.43
C SER A 665 -0.02 -23.53 -16.04
N TYR A 666 -1.35 -23.57 -16.10
CA TYR A 666 -2.10 -22.35 -15.95
C TYR A 666 -2.41 -21.92 -14.53
N GLU A 667 -2.25 -22.82 -13.60
CA GLU A 667 -2.42 -22.43 -12.22
C GLU A 667 -1.31 -21.46 -11.81
N TYR A 668 -1.54 -20.80 -10.67
CA TYR A 668 -0.51 -19.93 -10.12
C TYR A 668 0.67 -20.72 -9.57
N SER A 669 1.88 -20.37 -9.96
CA SER A 669 3.14 -20.76 -9.28
C SER A 669 4.05 -19.65 -9.64
N PRO A 670 5.04 -19.32 -8.79
CA PRO A 670 6.03 -18.30 -9.14
C PRO A 670 6.74 -18.56 -10.46
N GLU A 671 7.06 -19.82 -10.73
CA GLU A 671 7.71 -20.26 -11.99
C GLU A 671 6.91 -19.90 -13.29
N ALA A 672 5.68 -20.40 -13.33
CA ALA A 672 4.76 -20.11 -14.43
C ALA A 672 4.42 -18.67 -14.54
N ALA A 673 4.24 -17.98 -13.39
CA ALA A 673 3.98 -16.59 -13.43
C ALA A 673 5.07 -15.80 -14.12
N GLY A 674 6.32 -16.15 -13.87
CA GLY A 674 7.43 -15.42 -14.51
C GLY A 674 7.34 -15.38 -16.04
N TRP A 675 7.06 -16.55 -16.63
CA TRP A 675 6.88 -16.69 -18.08
C TRP A 675 5.70 -15.87 -18.55
N ARG A 676 4.62 -15.88 -17.77
CA ARG A 676 3.39 -15.14 -18.18
C ARG A 676 3.68 -13.65 -18.16
N THR A 677 4.45 -13.21 -17.17
CA THR A 677 4.82 -11.80 -17.06
C THR A 677 5.58 -11.31 -18.29
N LEU A 678 6.55 -12.09 -18.71
CA LEU A 678 7.30 -11.83 -19.92
C LEU A 678 6.40 -11.85 -21.14
N ARG A 679 5.56 -12.85 -21.21
CA ARG A 679 4.62 -12.97 -22.30
C ARG A 679 3.78 -11.70 -22.41
N ASN A 680 3.30 -11.17 -21.27
CA ASN A 680 2.45 -10.00 -21.31
C ASN A 680 3.16 -8.72 -21.72
N VAL A 681 4.46 -8.61 -21.43
CA VAL A 681 5.27 -7.51 -21.92
C VAL A 681 5.35 -7.56 -23.45
N CYS A 682 5.66 -8.77 -23.97
CA CYS A 682 5.65 -9.00 -25.44
C CYS A 682 4.32 -8.61 -26.09
N ARG A 683 3.23 -8.97 -25.47
CA ARG A 683 1.90 -8.70 -26.10
C ARG A 683 1.68 -7.22 -26.24
N ALA A 684 2.03 -6.48 -25.19
CA ALA A 684 1.92 -5.05 -25.19
C ALA A 684 2.69 -4.41 -26.34
N PHE A 685 3.93 -4.84 -26.50
CA PHE A 685 4.76 -4.31 -27.58
C PHE A 685 4.20 -4.70 -28.96
N VAL A 686 3.77 -5.94 -29.11
CA VAL A 686 3.20 -6.42 -30.38
C VAL A 686 2.04 -5.60 -30.81
N LEU A 687 1.10 -5.38 -29.91
CA LEU A 687 -0.09 -4.63 -30.21
C LEU A 687 0.14 -3.19 -30.35
N ARG A 688 1.26 -2.69 -29.84
CA ARG A 688 1.71 -1.35 -30.18
C ARG A 688 1.96 -1.29 -31.67
N ALA A 689 2.98 -2.05 -32.04
CA ALA A 689 3.58 -2.12 -33.39
C ALA A 689 2.56 -2.45 -34.49
N ASP A 690 1.67 -3.41 -34.20
CA ASP A 690 0.71 -3.95 -35.15
C ASP A 690 -0.68 -4.05 -34.56
N PRO A 691 -1.33 -2.93 -34.39
CA PRO A 691 -2.67 -2.95 -33.83
C PRO A 691 -3.64 -3.88 -34.55
N ALA A 692 -3.46 -4.09 -35.86
CA ALA A 692 -4.26 -5.09 -36.60
C ALA A 692 -4.20 -6.49 -36.04
N HIS A 693 -3.11 -6.83 -35.37
CA HIS A 693 -3.00 -8.13 -34.76
C HIS A 693 -4.13 -8.41 -33.78
N ILE A 694 -4.81 -7.38 -33.29
CA ILE A 694 -6.04 -7.59 -32.44
C ILE A 694 -7.08 -8.51 -33.09
N GLU A 695 -7.28 -8.42 -34.42
CA GLU A 695 -8.31 -9.30 -35.00
C GLU A 695 -7.83 -10.75 -34.95
N THR A 696 -6.56 -11.00 -35.07
CA THR A 696 -6.02 -12.35 -34.97
C THR A 696 -6.12 -12.85 -33.54
N VAL A 697 -5.85 -11.97 -32.58
CA VAL A 697 -6.14 -12.29 -31.17
C VAL A 697 -7.65 -12.64 -30.97
N ALA A 698 -8.54 -11.79 -31.49
CA ALA A 698 -9.93 -11.97 -31.29
C ALA A 698 -10.40 -13.33 -31.80
N GLU A 699 -9.91 -13.70 -33.00
CA GLU A 699 -10.23 -15.00 -33.61
C GLU A 699 -9.86 -16.15 -32.71
N LYS A 700 -8.71 -16.10 -32.06
CA LYS A 700 -8.31 -17.24 -31.27
C LYS A 700 -8.55 -17.01 -29.74
N TYR A 701 -9.38 -16.03 -29.41
CA TYR A 701 -9.44 -15.52 -28.01
C TYR A 701 -9.64 -16.65 -27.02
N GLY A 702 -10.64 -17.46 -27.24
CA GLY A 702 -10.96 -18.60 -26.37
C GLY A 702 -9.79 -19.49 -26.12
N GLU A 703 -9.03 -19.76 -27.16
CA GLU A 703 -7.85 -20.58 -27.00
C GLU A 703 -6.72 -19.88 -26.20
N ALA A 705 -7.32 -17.56 -23.83
CA ALA A 705 -7.92 -17.14 -22.53
C ALA A 705 -7.83 -18.32 -21.57
N GLN A 706 -6.63 -18.77 -21.26
CA GLN A 706 -6.50 -20.04 -20.46
C GLN A 706 -6.50 -19.77 -18.95
N ASN A 707 -6.26 -18.51 -18.57
CA ASN A 707 -6.45 -18.04 -17.21
C ASN A 707 -6.63 -16.52 -17.27
N THR A 709 -4.61 -14.25 -16.11
CA THR A 709 -3.38 -13.56 -16.41
C THR A 709 -3.27 -13.30 -17.92
N HIS A 710 -3.69 -14.30 -18.68
CA HIS A 710 -3.74 -14.18 -20.11
C HIS A 710 -4.85 -13.23 -20.53
N GLU A 711 -6.07 -13.36 -20.03
CA GLU A 711 -7.13 -12.43 -20.48
C GLU A 711 -6.78 -11.02 -20.15
N TRP A 712 -6.33 -10.79 -18.89
CA TRP A 712 -5.92 -9.43 -18.47
C TRP A 712 -4.76 -8.91 -19.35
N GLY A 713 -3.76 -9.74 -19.61
CA GLY A 713 -2.60 -9.31 -20.37
C GLY A 713 -2.97 -8.90 -21.81
N ILE A 714 -3.86 -9.66 -22.41
CA ILE A 714 -4.33 -9.33 -23.76
C ILE A 714 -5.20 -8.05 -23.76
N LEU A 715 -6.16 -8.00 -22.85
CA LEU A 715 -7.03 -6.87 -22.78
C LEU A 715 -6.25 -5.62 -22.45
N SER A 716 -5.27 -5.74 -21.58
CA SER A 716 -4.39 -4.61 -21.27
C SER A 716 -3.64 -4.15 -22.51
N ALA A 717 -3.04 -5.10 -23.22
CA ALA A 717 -2.31 -4.84 -24.46
C ALA A 717 -3.12 -4.12 -25.56
N VAL A 718 -4.40 -4.41 -25.69
CA VAL A 718 -5.20 -3.81 -26.71
C VAL A 718 -6.00 -2.60 -26.24
N ASN A 719 -5.89 -2.25 -24.95
CA ASN A 719 -6.89 -1.36 -24.34
C ASN A 719 -6.84 0.05 -24.94
N GLY A 720 -5.68 0.48 -25.39
CA GLY A 720 -5.55 1.77 -26.08
C GLY A 720 -5.78 1.71 -27.59
N ASN A 721 -6.11 0.57 -28.15
CA ASN A 721 -6.28 0.35 -29.67
C ASN A 721 -7.59 1.06 -30.07
N GLU A 722 -7.56 1.80 -31.19
CA GLU A 722 -8.75 2.49 -31.69
C GLU A 722 -9.72 1.61 -32.46
N SER A 723 -9.42 0.34 -32.54
CA SER A 723 -10.34 -0.57 -33.21
C SER A 723 -11.57 -0.76 -32.41
N ASP A 724 -12.65 -0.96 -33.14
CA ASP A 724 -13.91 -1.33 -32.57
C ASP A 724 -13.80 -2.69 -31.83
N THR A 725 -12.84 -3.49 -32.25
CA THR A 725 -12.69 -4.80 -31.70
C THR A 725 -12.29 -4.71 -30.22
N ARG A 726 -11.55 -3.66 -29.88
CA ARG A 726 -11.17 -3.45 -28.49
C ARG A 726 -12.46 -3.30 -27.67
N ASN A 727 -13.39 -2.50 -28.16
CA ASN A 727 -14.70 -2.31 -27.50
C ASN A 727 -15.49 -3.61 -27.41
N ARG A 728 -15.50 -4.43 -28.46
CA ARG A 728 -16.22 -5.71 -28.44
C ARG A 728 -15.61 -6.66 -27.43
N LEU A 729 -14.29 -6.73 -27.36
CA LEU A 729 -13.62 -7.65 -26.41
C LEU A 729 -13.94 -7.25 -24.97
N LEU A 730 -13.90 -5.97 -24.67
CA LEU A 730 -14.27 -5.49 -23.35
C LEU A 730 -15.71 -5.83 -23.02
N ALA A 731 -16.62 -5.60 -23.95
CA ALA A 731 -18.04 -5.94 -23.76
C ALA A 731 -18.24 -7.43 -23.49
N GLN A 732 -17.47 -8.28 -24.21
CA GLN A 732 -17.60 -9.68 -24.05
C GLN A 732 -17.03 -10.13 -22.72
N PHE A 733 -15.98 -9.48 -22.27
CA PHE A 733 -15.39 -9.70 -20.93
C PHE A 733 -16.36 -9.38 -19.81
N ALA A 734 -16.98 -8.21 -19.89
CA ALA A 734 -18.03 -7.85 -18.97
C ALA A 734 -19.24 -8.77 -19.00
N ASP A 735 -19.63 -9.31 -20.14
CA ASP A 735 -20.68 -10.30 -20.15
C ASP A 735 -20.23 -11.64 -19.54
N LYS A 736 -19.04 -12.16 -19.92
CA LYS A 736 -18.57 -13.43 -19.42
C LYS A 736 -18.47 -13.43 -17.86
N PHE A 737 -18.03 -12.33 -17.25
CA PHE A 737 -17.64 -12.31 -15.79
C PHE A 737 -18.58 -11.41 -15.02
N SER A 738 -19.79 -11.21 -15.56
CA SER A 738 -20.73 -10.20 -15.03
C SER A 738 -21.06 -10.45 -13.58
N ASP A 739 -21.02 -11.73 -13.17
CA ASP A 739 -21.32 -12.25 -11.80
C ASP A 739 -20.13 -12.23 -10.83
N ASP A 740 -18.93 -11.86 -11.28
CA ASP A 740 -17.75 -11.80 -10.42
C ASP A 740 -17.35 -10.34 -10.18
N ALA A 741 -17.59 -9.83 -8.95
CA ALA A 741 -17.41 -8.42 -8.68
C ALA A 741 -15.98 -8.04 -8.87
N LEU A 742 -15.05 -8.95 -8.55
CA LEU A 742 -13.57 -8.57 -8.67
C LEU A 742 -13.12 -8.48 -10.12
N VAL A 743 -13.70 -9.30 -10.97
CA VAL A 743 -13.42 -9.18 -12.39
C VAL A 743 -14.12 -7.95 -13.00
N ASP A 745 -14.35 -5.13 -11.43
CA ASP A 745 -13.33 -4.11 -11.08
C ASP A 745 -12.27 -3.99 -12.21
N LYS A 746 -11.90 -5.11 -12.80
CA LYS A 746 -10.86 -5.15 -13.83
C LYS A 746 -11.44 -4.51 -15.06
N TYR A 747 -12.67 -4.83 -15.38
CA TYR A 747 -13.30 -4.18 -16.60
C TYR A 747 -13.31 -2.66 -16.41
N PHE A 748 -13.77 -2.21 -15.24
CA PHE A 748 -13.86 -0.74 -14.99
C PHE A 748 -12.48 -0.08 -15.06
N ALA A 749 -11.45 -0.75 -14.58
CA ALA A 749 -10.11 -0.24 -14.66
C ALA A 749 -9.66 -0.09 -16.11
N LEU A 750 -9.97 -1.06 -16.97
CA LEU A 750 -9.66 -0.92 -18.39
C LEU A 750 -10.41 0.23 -19.03
N VAL A 751 -11.68 0.39 -18.65
CA VAL A 751 -12.42 1.53 -19.14
C VAL A 751 -11.73 2.89 -18.81
N GLY A 752 -11.41 3.09 -17.53
CA GLY A 752 -10.78 4.25 -17.02
C GLY A 752 -9.36 4.55 -17.45
N SER A 753 -8.57 3.49 -17.79
CA SER A 753 -7.16 3.63 -18.07
C SER A 753 -6.78 3.71 -19.55
N SER A 754 -7.76 3.57 -20.44
CA SER A 754 -7.49 3.54 -21.88
C SER A 754 -6.95 4.88 -22.39
N ARG A 755 -5.91 4.81 -23.23
CA ARG A 755 -5.46 6.00 -23.89
C ARG A 755 -6.22 6.29 -25.21
N ARG A 756 -7.20 5.49 -25.59
CA ARG A 756 -8.10 5.87 -26.73
C ARG A 756 -8.62 7.31 -26.58
N SER A 757 -9.01 7.98 -27.68
CA SER A 757 -9.45 9.34 -27.60
C SER A 757 -10.80 9.53 -26.86
N ASP A 758 -11.64 8.50 -26.89
CA ASP A 758 -12.98 8.60 -26.33
C ASP A 758 -13.12 7.97 -24.95
N THR A 759 -12.08 8.07 -24.12
CA THR A 759 -12.19 7.56 -22.73
C THR A 759 -13.13 8.31 -21.81
N LEU A 760 -13.15 9.63 -21.85
CA LEU A 760 -14.04 10.34 -20.92
C LEU A 760 -15.48 9.93 -21.10
N GLN A 761 -15.99 9.89 -22.33
CA GLN A 761 -17.35 9.46 -22.50
C GLN A 761 -17.62 7.99 -22.21
N GLN A 762 -16.65 7.10 -22.47
CA GLN A 762 -16.83 5.69 -22.11
C GLN A 762 -16.88 5.60 -20.55
N VAL A 763 -16.08 6.38 -19.87
CA VAL A 763 -16.10 6.40 -18.38
C VAL A 763 -17.43 6.92 -17.88
N ARG A 764 -17.96 7.96 -18.50
CA ARG A 764 -19.28 8.46 -18.13
C ARG A 764 -20.40 7.43 -18.35
N THR A 765 -20.32 6.68 -19.44
CA THR A 765 -21.28 5.61 -19.65
C THR A 765 -21.10 4.51 -18.54
N ALA A 766 -19.86 4.21 -18.20
CA ALA A 766 -19.61 3.18 -17.26
C ALA A 766 -20.14 3.52 -15.85
N LEU A 767 -20.20 4.80 -15.53
CA LEU A 767 -20.86 5.24 -14.28
C LEU A 767 -22.26 4.67 -14.08
N GLN A 768 -22.95 4.38 -15.19
CA GLN A 768 -24.32 3.89 -15.22
C GLN A 768 -24.45 2.42 -15.59
N HIS A 769 -23.30 1.73 -15.64
CA HIS A 769 -23.31 0.33 -15.87
C HIS A 769 -24.01 -0.33 -14.67
N PRO A 770 -24.84 -1.34 -14.92
CA PRO A 770 -25.58 -2.03 -13.86
C PRO A 770 -24.73 -2.61 -12.74
N LYS A 771 -23.50 -2.97 -13.05
CA LYS A 771 -22.58 -3.49 -12.08
C LYS A 771 -21.70 -2.42 -11.43
N PHE A 772 -21.81 -1.16 -11.84
CA PHE A 772 -21.03 -0.14 -11.18
C PHE A 772 -21.78 0.40 -9.96
N SER A 773 -21.06 0.70 -8.90
CA SER A 773 -21.63 1.37 -7.74
C SER A 773 -20.63 2.38 -7.22
N LEU A 774 -21.01 3.66 -7.21
CA LEU A 774 -20.14 4.72 -6.77
C LEU A 774 -19.84 4.53 -5.29
N GLU A 775 -20.81 3.93 -4.61
CA GLU A 775 -20.71 3.75 -3.13
C GLU A 775 -19.80 2.60 -2.75
N ASN A 776 -19.30 1.86 -3.73
CA ASN A 776 -18.39 0.76 -3.49
C ASN A 776 -16.92 1.19 -3.74
N PRO A 777 -16.06 1.18 -2.72
CA PRO A 777 -14.74 1.68 -2.95
C PRO A 777 -13.94 0.96 -4.06
N ASN A 778 -14.12 -0.33 -4.18
CA ASN A 778 -13.33 -1.05 -5.22
C ASN A 778 -13.72 -0.57 -6.67
N LYS A 779 -15.01 -0.37 -6.88
CA LYS A 779 -15.54 0.17 -8.10
C LYS A 779 -15.12 1.60 -8.37
N ALA A 780 -15.30 2.47 -7.39
CA ALA A 780 -14.94 3.85 -7.56
C ALA A 780 -13.47 3.99 -7.90
N ARG A 781 -12.64 3.29 -7.17
CA ARG A 781 -11.23 3.32 -7.42
C ARG A 781 -10.90 2.75 -8.81
N SER A 782 -11.49 1.64 -9.14
CA SER A 782 -11.22 1.04 -10.47
C SER A 782 -11.54 1.99 -11.62
N LEU A 783 -12.73 2.57 -11.66
CA LEU A 783 -13.12 3.42 -12.77
C LEU A 783 -12.55 4.81 -12.64
N ILE A 784 -12.92 5.49 -11.57
CA ILE A 784 -12.59 6.95 -11.42
C ILE A 784 -11.10 7.16 -11.08
N GLY A 785 -10.62 6.39 -10.11
CA GLY A 785 -9.25 6.37 -9.64
C GLY A 785 -8.39 6.11 -10.91
N SER A 786 -8.73 5.15 -11.72
CA SER A 786 -7.90 4.89 -12.94
C SER A 786 -7.93 6.08 -13.89
N PHE A 787 -9.11 6.67 -14.13
CA PHE A 787 -9.18 7.86 -14.98
C PHE A 787 -8.27 9.01 -14.45
N SER A 788 -8.27 9.21 -13.10
CA SER A 788 -7.50 10.23 -12.51
C SER A 788 -6.00 10.05 -12.69
N ARG A 789 -5.58 8.83 -12.99
CA ARG A 789 -4.19 8.59 -13.23
C ARG A 789 -3.89 8.41 -14.69
N ASN A 790 -4.89 8.59 -15.55
CA ASN A 790 -4.75 8.42 -16.99
C ASN A 790 -4.27 9.73 -17.59
N VAL A 791 -2.95 9.85 -17.74
CA VAL A 791 -2.31 11.12 -18.00
C VAL A 791 -2.90 11.93 -19.12
N PRO A 792 -3.07 11.35 -20.33
CA PRO A 792 -3.64 12.18 -21.43
C PRO A 792 -5.05 12.69 -21.21
N HIS A 793 -5.84 11.95 -20.45
CA HIS A 793 -7.25 12.29 -20.22
C HIS A 793 -7.47 13.15 -19.00
N PHE A 794 -6.84 12.80 -17.88
CA PHE A 794 -6.89 13.58 -16.67
C PHE A 794 -6.32 14.94 -16.92
N HIS A 795 -5.18 15.01 -17.61
CA HIS A 795 -4.50 16.28 -17.93
C HIS A 795 -4.81 16.84 -19.31
N ALA A 796 -5.98 16.54 -19.85
CA ALA A 796 -6.41 17.14 -21.08
C ALA A 796 -6.39 18.66 -21.02
N GLU A 797 -5.96 19.29 -22.07
CA GLU A 797 -5.77 20.71 -22.09
C GLU A 797 -7.07 21.49 -21.85
N ASP A 798 -8.21 20.98 -22.37
CA ASP A 798 -9.49 21.65 -22.19
C ASP A 798 -10.01 21.67 -20.73
N GLY A 799 -9.33 20.96 -19.81
CA GLY A 799 -9.74 20.93 -18.43
C GLY A 799 -10.82 19.91 -18.12
N SER A 800 -11.24 19.12 -19.13
CA SER A 800 -12.36 18.19 -18.93
C SER A 800 -12.06 17.11 -17.90
N GLY A 801 -10.81 16.70 -17.84
CA GLY A 801 -10.44 15.73 -16.84
C GLY A 801 -10.45 16.25 -15.42
N TYR A 802 -10.00 17.46 -15.21
CA TYR A 802 -9.92 18.07 -13.92
C TYR A 802 -11.35 18.31 -13.48
N ARG A 803 -12.20 18.78 -14.39
CA ARG A 803 -13.58 19.02 -13.99
C ARG A 803 -14.31 17.77 -13.56
N PHE A 804 -14.11 16.69 -14.30
CA PHE A 804 -14.74 15.45 -14.01
C PHE A 804 -14.33 14.93 -12.67
N ILE A 805 -13.01 14.90 -12.43
CA ILE A 805 -12.53 14.36 -11.17
C ILE A 805 -12.97 15.26 -10.00
N ALA A 806 -12.95 16.57 -10.15
CA ALA A 806 -13.46 17.43 -9.10
C ALA A 806 -14.95 17.20 -8.81
N ASP A 807 -15.75 17.02 -9.85
CA ASP A 807 -17.14 16.69 -9.67
C ASP A 807 -17.30 15.37 -8.84
N LYS A 808 -16.47 14.37 -9.09
CA LYS A 808 -16.60 13.13 -8.36
C LYS A 808 -16.03 13.20 -6.95
N VAL A 809 -14.98 14.00 -6.70
CA VAL A 809 -14.58 14.25 -5.29
C VAL A 809 -15.72 14.82 -4.52
N ILE A 810 -16.39 15.83 -5.08
CA ILE A 810 -17.50 16.45 -4.42
C ILE A 810 -18.63 15.46 -4.15
N GLU A 811 -19.04 14.68 -5.13
CA GLU A 811 -20.12 13.66 -4.95
C GLU A 811 -19.79 12.57 -3.99
N ILE A 812 -18.60 12.01 -4.09
CA ILE A 812 -18.19 10.94 -3.21
C ILE A 812 -17.98 11.43 -1.78
N ASP A 813 -17.47 12.62 -1.65
CA ASP A 813 -17.26 13.16 -0.28
C ASP A 813 -18.57 13.26 0.50
N ARG A 814 -19.73 13.34 -0.16
CA ARG A 814 -20.95 13.33 0.56
C ARG A 814 -21.22 12.03 1.33
N PHE A 815 -20.61 10.89 0.97
CA PHE A 815 -20.89 9.66 1.70
C PHE A 815 -19.60 8.94 2.16
N ASN A 816 -18.47 9.20 1.52
CA ASN A 816 -17.20 8.51 1.84
C ASN A 816 -16.00 9.42 1.69
N PRO A 817 -15.70 10.17 2.78
CA PRO A 817 -14.61 11.14 2.73
C PRO A 817 -13.28 10.48 2.51
N GLN A 818 -13.12 9.23 2.88
CA GLN A 818 -11.77 8.56 2.77
C GLN A 818 -11.41 8.28 1.33
N VAL A 819 -12.41 7.83 0.61
CA VAL A 819 -12.26 7.64 -0.82
C VAL A 819 -12.00 8.97 -1.54
N ALA A 820 -12.81 9.97 -1.22
CA ALA A 820 -12.74 11.28 -1.87
C ALA A 820 -11.38 11.95 -1.60
N ALA A 821 -10.87 11.84 -0.37
CA ALA A 821 -9.54 12.42 -0.05
C ALA A 821 -8.33 11.74 -0.71
N ARG A 822 -8.49 10.45 -1.00
CA ARG A 822 -7.54 9.69 -1.78
C ARG A 822 -7.65 10.07 -3.25
N LEU A 823 -8.86 10.38 -3.71
CA LEU A 823 -9.05 10.80 -5.10
C LEU A 823 -8.52 12.21 -5.40
N VAL A 824 -8.74 13.15 -4.47
CA VAL A 824 -8.40 14.53 -4.68
C VAL A 824 -6.89 14.74 -4.80
N GLN A 825 -6.13 13.78 -4.30
CA GLN A 825 -4.66 13.80 -4.48
C GLN A 825 -4.15 13.63 -5.92
N ALA A 826 -5.08 13.29 -6.83
CA ALA A 826 -4.80 13.38 -8.28
C ALA A 826 -4.33 14.79 -8.61
N PHE A 827 -4.79 15.81 -7.88
CA PHE A 827 -4.40 17.19 -8.15
C PHE A 827 -3.04 17.65 -7.50
N ASN A 828 -2.35 16.75 -6.80
CA ASN A 828 -1.10 17.11 -6.09
C ASN A 828 -0.04 17.76 -6.94
N LEU A 829 -0.07 17.56 -8.26
CA LEU A 829 0.96 18.15 -9.10
C LEU A 829 0.70 19.64 -9.36
N CYS A 830 -0.45 20.15 -8.98
CA CYS A 830 -0.85 21.57 -9.20
C CYS A 830 0.27 22.60 -9.35
N ASN A 831 1.07 22.87 -8.30
CA ASN A 831 2.08 23.94 -8.29
C ASN A 831 3.15 23.70 -9.31
N LYS A 832 3.31 22.47 -9.77
CA LYS A 832 4.36 22.20 -10.72
C LYS A 832 3.90 22.13 -12.21
N LEU A 833 2.61 22.31 -12.49
CA LEU A 833 2.10 22.32 -13.86
C LEU A 833 2.37 23.65 -14.59
N GLU A 834 2.40 23.59 -15.91
CA GLU A 834 2.44 24.74 -16.75
C GLU A 834 1.19 25.58 -16.54
N PRO A 835 1.29 26.87 -16.86
CA PRO A 835 0.29 27.81 -16.35
C PRO A 835 -1.13 27.57 -16.71
N HIS A 836 -1.39 27.07 -17.92
CA HIS A 836 -2.78 26.90 -18.36
C HIS A 836 -3.46 25.79 -17.54
N ARG A 837 -2.81 24.65 -17.46
CA ARG A 837 -3.31 23.56 -16.57
C ARG A 837 -3.29 23.91 -15.10
N LYS A 838 -2.29 24.61 -14.64
CA LYS A 838 -2.31 25.02 -13.23
C LYS A 838 -3.53 25.88 -12.89
N ASN A 839 -3.85 26.83 -13.74
CA ASN A 839 -5.01 27.67 -13.53
C ASN A 839 -6.30 26.84 -13.41
N LEU A 840 -6.48 25.91 -14.28
CA LEU A 840 -7.64 25.02 -14.23
C LEU A 840 -7.73 24.10 -13.03
N VAL A 841 -6.59 23.54 -12.59
CA VAL A 841 -6.52 22.73 -11.38
C VAL A 841 -6.88 23.60 -10.19
N LYS A 842 -6.32 24.78 -10.12
CA LYS A 842 -6.66 25.67 -9.01
C LYS A 842 -8.15 26.00 -9.00
N GLN A 843 -8.81 26.21 -10.13
CA GLN A 843 -10.23 26.44 -10.16
C GLN A 843 -11.02 25.25 -9.60
N ALA A 844 -10.63 24.06 -10.02
CA ALA A 844 -11.24 22.79 -9.60
C ALA A 844 -11.14 22.69 -8.06
N LEU A 845 -9.94 22.92 -7.54
CA LEU A 845 -9.73 22.82 -6.09
C LEU A 845 -10.49 23.91 -5.33
N GLN A 846 -10.58 25.12 -5.85
CA GLN A 846 -11.42 26.16 -5.18
C GLN A 846 -12.88 25.77 -5.14
N ARG A 847 -13.34 25.13 -6.22
CA ARG A 847 -14.73 24.70 -6.30
C ARG A 847 -15.00 23.55 -5.27
N ILE A 848 -14.03 22.66 -5.10
CA ILE A 848 -14.14 21.64 -4.08
C ILE A 848 -14.22 22.34 -2.71
N ARG A 849 -13.30 23.25 -2.47
CA ARG A 849 -13.28 24.00 -1.20
C ARG A 849 -14.58 24.79 -0.94
N ALA A 850 -15.22 25.28 -1.97
CA ALA A 850 -16.46 26.05 -1.81
C ALA A 850 -17.66 25.20 -1.44
N GLN A 851 -17.56 23.87 -1.46
CA GLN A 851 -18.71 23.03 -1.04
C GLN A 851 -19.10 23.12 0.38
N GLU A 852 -20.37 23.39 0.66
CA GLU A 852 -20.81 23.38 2.05
C GLU A 852 -20.71 21.99 2.63
N GLY A 853 -20.18 21.87 3.84
CA GLY A 853 -20.10 20.57 4.52
C GLY A 853 -19.00 19.64 3.98
N LEU A 854 -18.06 20.21 3.24
CA LEU A 854 -16.88 19.44 2.79
C LEU A 854 -16.23 18.77 4.02
N SER A 855 -15.83 17.52 3.89
CA SER A 855 -15.23 16.80 5.00
C SER A 855 -13.92 17.42 5.42
N LYS A 856 -13.54 17.15 6.65
CA LYS A 856 -12.23 17.49 7.16
C LYS A 856 -11.12 16.79 6.38
N ASP A 857 -11.41 15.54 5.96
CA ASP A 857 -10.46 14.67 5.23
C ASP A 857 -10.06 15.42 3.94
N VAL A 858 -11.05 15.82 3.13
CA VAL A 858 -10.74 16.38 1.81
C VAL A 858 -10.22 17.82 2.02
N GLY A 859 -10.78 18.52 3.00
CA GLY A 859 -10.35 19.86 3.36
C GLY A 859 -8.87 19.98 3.68
N GLU A 860 -8.39 19.04 4.48
CA GLU A 860 -6.98 19.02 4.82
C GLU A 860 -6.10 18.91 3.57
N ILE A 861 -6.46 18.06 2.62
CA ILE A 861 -5.62 17.86 1.45
C ILE A 861 -5.73 19.05 0.50
N VAL A 862 -6.92 19.57 0.30
CA VAL A 862 -7.04 20.74 -0.54
C VAL A 862 -6.23 21.95 0.00
N GLY A 863 -6.22 22.15 1.32
CA GLY A 863 -5.49 23.24 1.88
C GLY A 863 -3.98 23.08 1.66
N LYS A 864 -3.49 21.85 1.69
CA LYS A 864 -2.03 21.62 1.49
C LYS A 864 -1.66 21.94 0.08
N ILE A 865 -2.56 21.65 -0.83
CA ILE A 865 -2.27 21.94 -2.20
C ILE A 865 -2.42 23.40 -2.50
N LEU A 866 -3.57 23.99 -2.15
CA LEU A 866 -3.87 25.39 -2.42
C LEU A 866 -3.18 26.46 -1.63
N ASP A 867 -3.03 26.24 -0.37
CA ASP A 867 -2.61 27.33 0.49
C ASP A 867 -1.08 27.48 0.72
#